data_9LXC
#
_entry.id   9LXC
#
_cell.length_a   1.00
_cell.length_b   1.00
_cell.length_c   1.00
_cell.angle_alpha   90.00
_cell.angle_beta   90.00
_cell.angle_gamma   90.00
#
_symmetry.space_group_name_H-M   'P 1'
#
loop_
_entity.id
_entity.type
_entity.pdbx_description
1 polymer 'P2X purinoceptor 1'
2 non-polymer CHOLESTEROL
3 non-polymer "4,4',4'',4'''-{carbonylbis[azanediylbenzene-5,1,3-triylbis(carbonylazanediyl)]}tetra(benzene-1,3-disulfonic acid)"
#
_entity_poly.entity_id   1
_entity_poly.type   'polypeptide(L)'
_entity_poly.pdbx_seq_one_letter_code
;VGVIFRLIQLVVLVYVIGWVFLYEKGYQTSSGLISSVSVKLKGLAVTQLPGLGPQVWDVADYVFPAQGDNSFVVMTNFIV
TPKQTQGYCAEHPEGGICKEDSGCTPGKAKRKAQGIRTGKCVAFNDTVKTCEIFGWCPVEVDDDIPRPALLREAENFTLF
IKNSISFPRFKVNRRNLVEEVNAAHMKTCLFHKTLHPLCPVFQLGYVVQESGQNFSTLAEKGGVVGITIDWHCDLDWHVR
HCRPIYEFHGLYEEKNLSPGFNFRFARHFVENGTNYRHLFKVFGIRFDILVDGKAGKFDIIPTMTTIGSGIGIFGVATVL
CDLLLL
;
_entity_poly.pdbx_strand_id   A,B,C
#
# COMPACT_ATOMS: atom_id res chain seq x y z
N PHE A 5 14.48 -9.52 -59.48
CA PHE A 5 13.77 -9.42 -58.22
C PHE A 5 14.71 -9.55 -57.03
N ARG A 6 15.84 -10.25 -57.25
CA ARG A 6 16.80 -10.44 -56.17
C ARG A 6 17.41 -9.12 -55.72
N LEU A 7 17.76 -8.25 -56.66
CA LEU A 7 18.37 -6.98 -56.30
C LEU A 7 17.38 -6.08 -55.55
N ILE A 8 16.15 -6.00 -56.03
CA ILE A 8 15.16 -5.13 -55.41
C ILE A 8 14.75 -5.65 -54.03
N GLN A 9 14.53 -6.96 -53.93
CA GLN A 9 14.12 -7.54 -52.64
C GLN A 9 15.21 -7.41 -51.60
N LEU A 10 16.46 -7.61 -51.99
CA LEU A 10 17.57 -7.53 -51.03
C LEU A 10 17.69 -6.12 -50.44
N VAL A 11 17.53 -5.10 -51.28
CA VAL A 11 17.62 -3.72 -50.80
C VAL A 11 16.49 -3.43 -49.82
N VAL A 12 15.27 -3.86 -50.16
CA VAL A 12 14.12 -3.58 -49.30
C VAL A 12 14.21 -4.39 -48.01
N LEU A 13 14.57 -5.67 -48.12
CA LEU A 13 14.55 -6.55 -46.94
C LEU A 13 15.53 -6.09 -45.89
N VAL A 14 16.72 -5.67 -46.30
CA VAL A 14 17.73 -5.22 -45.34
C VAL A 14 17.26 -3.97 -44.62
N TYR A 15 16.56 -3.08 -45.33
CA TYR A 15 16.11 -1.82 -44.73
C TYR A 15 15.03 -2.08 -43.68
N VAL A 16 14.02 -2.88 -44.02
CA VAL A 16 12.91 -3.10 -43.09
C VAL A 16 13.37 -3.93 -41.90
N ILE A 17 14.19 -4.96 -42.13
CA ILE A 17 14.72 -5.76 -41.04
C ILE A 17 15.59 -4.92 -40.13
N GLY A 18 16.42 -4.05 -40.71
CA GLY A 18 17.23 -3.16 -39.90
C GLY A 18 16.41 -2.21 -39.06
N TRP A 19 15.29 -1.74 -39.59
CA TRP A 19 14.39 -0.89 -38.80
C TRP A 19 13.85 -1.63 -37.60
N VAL A 20 13.44 -2.88 -37.79
CA VAL A 20 12.99 -3.71 -36.68
C VAL A 20 14.17 -4.04 -35.75
N PHE A 21 15.35 -4.25 -36.34
CA PHE A 21 16.52 -4.61 -35.55
C PHE A 21 17.04 -3.43 -34.74
N LEU A 22 17.34 -2.32 -35.42
CA LEU A 22 18.01 -1.20 -34.76
C LEU A 22 17.05 -0.38 -33.90
N TYR A 23 16.02 0.19 -34.53
CA TYR A 23 15.16 1.14 -33.81
C TYR A 23 14.38 0.45 -32.70
N GLU A 24 13.82 -0.73 -32.96
CA GLU A 24 12.99 -1.42 -31.98
C GLU A 24 13.78 -2.12 -30.90
N LYS A 25 15.11 -2.15 -31.00
CA LYS A 25 15.98 -2.81 -30.02
C LYS A 25 15.59 -4.28 -29.84
N GLY A 26 15.35 -4.97 -30.95
CA GLY A 26 15.01 -6.38 -30.90
C GLY A 26 16.14 -7.25 -30.39
N TYR A 27 17.37 -6.75 -30.44
CA TYR A 27 18.52 -7.45 -29.87
C TYR A 27 18.67 -7.22 -28.38
N GLN A 28 17.77 -6.47 -27.76
CA GLN A 28 17.85 -6.09 -26.36
C GLN A 28 16.80 -6.84 -25.55
N THR A 29 17.22 -7.45 -24.45
CA THR A 29 16.32 -8.17 -23.56
C THR A 29 15.99 -7.27 -22.37
N SER A 30 14.77 -6.76 -22.35
CA SER A 30 14.32 -5.87 -21.30
C SER A 30 14.02 -6.66 -20.02
N SER A 31 14.11 -5.97 -18.89
CA SER A 31 13.86 -6.57 -17.59
C SER A 31 13.10 -5.60 -16.70
N GLY A 32 12.47 -6.14 -15.66
CA GLY A 32 11.73 -5.33 -14.71
C GLY A 32 12.64 -4.71 -13.67
N LEU A 33 12.01 -4.19 -12.61
CA LEU A 33 12.74 -3.53 -11.55
C LEU A 33 11.97 -3.66 -10.24
N ILE A 34 12.69 -3.47 -9.14
CA ILE A 34 12.11 -3.42 -7.80
C ILE A 34 12.60 -2.13 -7.15
N SER A 35 11.67 -1.35 -6.60
CA SER A 35 11.97 -0.02 -6.10
C SER A 35 11.36 0.17 -4.72
N SER A 36 11.98 1.07 -3.95
CA SER A 36 11.48 1.49 -2.65
C SER A 36 11.51 3.01 -2.59
N VAL A 37 10.39 3.60 -2.17
CA VAL A 37 10.25 5.05 -2.11
C VAL A 37 9.99 5.45 -0.65
N SER A 38 10.82 6.35 -0.14
CA SER A 38 10.67 6.90 1.19
C SER A 38 10.60 8.42 1.08
N VAL A 39 9.55 9.01 1.66
CA VAL A 39 9.28 10.43 1.54
C VAL A 39 9.45 11.09 2.91
N LYS A 40 10.16 12.21 2.94
CA LYS A 40 10.36 13.00 4.14
C LYS A 40 9.81 14.39 3.90
N LEU A 41 8.89 14.83 4.76
CA LEU A 41 8.27 16.14 4.66
C LEU A 41 8.77 17.03 5.80
N LYS A 42 9.10 18.28 5.49
CA LYS A 42 9.45 19.27 6.49
C LYS A 42 8.64 20.52 6.26
N GLY A 43 8.13 21.09 7.34
CA GLY A 43 7.30 22.28 7.26
C GLY A 43 6.31 22.35 8.40
N LEU A 44 6.11 23.55 8.94
CA LEU A 44 5.18 23.77 10.05
C LEU A 44 4.05 24.67 9.58
N ALA A 45 2.82 24.27 9.87
CA ALA A 45 1.62 25.02 9.51
C ALA A 45 0.98 25.57 10.77
N VAL A 46 0.89 26.89 10.86
CA VAL A 46 0.27 27.55 11.99
C VAL A 46 -1.09 28.07 11.56
N THR A 47 -2.14 27.59 12.21
CA THR A 47 -3.50 27.89 11.80
C THR A 47 -4.28 28.59 12.91
N GLN A 48 -3.69 29.64 13.48
CA GLN A 48 -4.32 30.40 14.57
C GLN A 48 -5.76 30.75 14.22
N LEU A 49 -6.71 30.20 14.96
CA LEU A 49 -8.12 30.45 14.70
C LEU A 49 -8.54 31.77 15.33
N PRO A 50 -9.37 32.56 14.65
CA PRO A 50 -9.83 33.83 15.23
C PRO A 50 -10.60 33.58 16.52
N GLY A 51 -10.37 34.45 17.51
CA GLY A 51 -11.02 34.36 18.79
C GLY A 51 -10.37 33.42 19.78
N LEU A 52 -9.23 32.81 19.43
CA LEU A 52 -8.53 31.92 20.34
C LEU A 52 -7.05 31.91 19.98
N GLY A 53 -6.28 31.14 20.75
CA GLY A 53 -4.85 31.08 20.58
C GLY A 53 -4.42 30.32 19.35
N PRO A 54 -3.14 30.39 19.02
CA PRO A 54 -2.64 29.71 17.82
C PRO A 54 -2.59 28.20 18.01
N GLN A 55 -2.29 27.51 16.92
CA GLN A 55 -2.23 26.05 16.92
C GLN A 55 -1.30 25.62 15.79
N VAL A 56 -0.22 24.92 16.14
CA VAL A 56 0.78 24.50 15.17
C VAL A 56 0.54 23.04 14.80
N TRP A 57 0.95 22.68 13.59
CA TRP A 57 0.82 21.32 13.07
C TRP A 57 2.17 20.91 12.48
N ASP A 58 2.88 20.04 13.19
CA ASP A 58 4.15 19.52 12.71
C ASP A 58 3.91 18.27 11.88
N VAL A 59 5.02 17.69 11.36
CA VAL A 59 4.92 16.58 10.42
C VAL A 59 4.23 15.38 11.05
N ALA A 60 4.32 15.24 12.38
CA ALA A 60 3.68 14.14 13.07
C ALA A 60 2.16 14.24 13.09
N ASP A 61 1.59 15.37 12.67
CA ASP A 61 0.16 15.61 12.76
C ASP A 61 -0.56 15.60 11.42
N TYR A 62 0.00 16.24 10.39
CA TYR A 62 -0.71 16.42 9.14
C TYR A 62 -0.33 15.39 8.07
N VAL A 63 0.44 14.37 8.41
CA VAL A 63 0.85 13.34 7.47
C VAL A 63 0.15 12.04 7.86
N PHE A 64 -0.58 11.45 6.92
CA PHE A 64 -1.29 10.20 7.13
C PHE A 64 -0.86 9.20 6.07
N PRO A 65 -0.27 8.05 6.44
CA PRO A 65 0.09 7.61 7.80
C PRO A 65 1.42 8.19 8.25
N ALA A 66 1.77 8.03 9.53
CA ALA A 66 3.03 8.55 10.03
C ALA A 66 4.23 7.86 9.37
N GLN A 67 4.10 6.57 9.07
CA GLN A 67 5.20 5.84 8.44
C GLN A 67 5.47 6.35 7.02
N GLY A 68 4.47 6.92 6.37
CA GLY A 68 4.68 7.53 5.06
C GLY A 68 4.94 6.54 3.94
N ASP A 69 3.91 5.77 3.57
CA ASP A 69 4.03 4.82 2.47
C ASP A 69 3.93 5.57 1.14
N ASN A 70 3.79 4.82 0.04
CA ASN A 70 3.75 5.44 -1.28
C ASN A 70 2.55 6.36 -1.43
N SER A 71 1.38 5.93 -0.95
CA SER A 71 0.16 6.72 -1.02
C SER A 71 -0.08 7.36 0.35
N PHE A 72 0.28 8.63 0.48
CA PHE A 72 0.14 9.36 1.74
C PHE A 72 -0.70 10.60 1.52
N VAL A 73 -1.30 11.08 2.62
CA VAL A 73 -2.20 12.22 2.61
C VAL A 73 -1.59 13.33 3.44
N VAL A 74 -1.54 14.53 2.89
CA VAL A 74 -1.04 15.72 3.58
C VAL A 74 -2.23 16.62 3.89
N MET A 75 -2.46 16.84 5.18
CA MET A 75 -3.61 17.65 5.59
C MET A 75 -3.45 19.09 5.14
N THR A 76 -4.52 19.64 4.56
CA THR A 76 -4.56 21.04 4.17
C THR A 76 -5.73 21.80 4.77
N ASN A 77 -6.74 21.10 5.28
CA ASN A 77 -7.91 21.73 5.89
C ASN A 77 -8.61 20.69 6.75
N PHE A 78 -9.32 21.13 7.78
CA PHE A 78 -9.99 20.19 8.67
C PHE A 78 -11.15 20.88 9.36
N ILE A 79 -12.09 20.06 9.83
CA ILE A 79 -13.18 20.47 10.71
C ILE A 79 -13.19 19.54 11.90
N VAL A 80 -13.13 20.12 13.11
CA VAL A 80 -12.97 19.34 14.34
C VAL A 80 -14.22 19.52 15.19
N THR A 81 -14.76 18.41 15.69
CA THR A 81 -15.87 18.41 16.64
C THR A 81 -15.37 17.82 17.94
N PRO A 82 -14.97 18.65 18.91
CA PRO A 82 -14.32 18.12 20.11
C PRO A 82 -15.33 17.65 21.16
N LYS A 83 -14.81 16.81 22.07
CA LYS A 83 -15.57 16.31 23.22
C LYS A 83 -16.84 15.59 22.78
N GLN A 84 -16.64 14.49 22.05
CA GLN A 84 -17.73 13.65 21.58
C GLN A 84 -17.83 12.40 22.43
N THR A 85 -19.02 12.13 22.97
CA THR A 85 -19.26 10.96 23.78
C THR A 85 -20.57 10.32 23.37
N GLN A 86 -20.69 9.03 23.64
CA GLN A 86 -21.89 8.27 23.28
C GLN A 86 -22.97 8.55 24.33
N GLY A 87 -24.03 9.23 23.91
CA GLY A 87 -25.10 9.58 24.82
C GLY A 87 -26.35 9.97 24.06
N TYR A 88 -27.32 10.47 24.81
CA TYR A 88 -28.62 10.84 24.26
C TYR A 88 -28.60 12.30 23.84
N CYS A 89 -28.94 12.57 22.58
CA CYS A 89 -28.90 13.91 22.05
C CYS A 89 -29.75 13.97 20.78
N ALA A 90 -29.97 15.19 20.30
CA ALA A 90 -30.79 15.42 19.13
C ALA A 90 -30.04 15.10 17.85
N GLU A 91 -30.79 14.80 16.79
CA GLU A 91 -30.23 14.45 15.51
C GLU A 91 -29.77 15.69 14.75
N HIS A 92 -28.96 15.46 13.72
CA HIS A 92 -28.65 16.50 12.75
C HIS A 92 -29.91 16.84 11.98
N PRO A 93 -30.13 18.13 11.63
CA PRO A 93 -31.39 18.49 10.96
C PRO A 93 -31.60 17.82 9.62
N GLU A 94 -30.55 17.35 8.97
CA GLU A 94 -30.74 16.58 7.73
C GLU A 94 -30.99 15.11 8.02
N GLY A 95 -31.88 14.84 8.96
CA GLY A 95 -32.37 13.51 9.22
C GLY A 95 -33.89 13.47 9.32
N GLY A 96 -34.48 14.64 9.55
CA GLY A 96 -35.91 14.77 9.78
C GLY A 96 -36.16 15.83 10.83
N ILE A 97 -37.36 16.40 10.81
CA ILE A 97 -37.75 17.48 11.69
C ILE A 97 -39.08 17.14 12.34
N CYS A 98 -39.16 17.30 13.66
CA CYS A 98 -40.39 17.04 14.40
C CYS A 98 -41.40 18.16 14.22
N LYS A 99 -42.68 17.78 14.28
CA LYS A 99 -43.78 18.68 14.61
C LYS A 99 -44.40 18.34 15.94
N GLU A 100 -44.50 17.05 16.26
CA GLU A 100 -44.83 16.56 17.58
C GLU A 100 -43.98 15.33 17.85
N ASP A 101 -43.80 15.00 19.14
CA ASP A 101 -42.92 13.89 19.49
C ASP A 101 -43.63 12.56 19.35
N SER A 102 -44.22 12.30 18.18
CA SER A 102 -44.86 11.02 17.89
C SER A 102 -43.89 10.05 17.22
N GLY A 103 -42.70 9.91 17.80
CA GLY A 103 -41.68 9.01 17.29
C GLY A 103 -41.11 9.40 15.94
N CYS A 104 -39.94 8.86 15.63
CA CYS A 104 -39.31 9.00 14.31
C CYS A 104 -38.81 7.64 13.86
N THR A 105 -39.66 6.62 13.96
CA THR A 105 -39.32 5.23 13.73
C THR A 105 -38.20 4.83 14.69
N PRO A 106 -38.52 4.62 15.97
CA PRO A 106 -37.47 4.32 16.95
C PRO A 106 -36.65 3.11 16.55
N GLY A 107 -35.36 3.17 16.84
CA GLY A 107 -34.38 2.25 16.31
C GLY A 107 -33.52 2.91 15.24
N LYS A 108 -32.65 2.11 14.65
CA LYS A 108 -31.79 2.63 13.59
C LYS A 108 -32.61 2.99 12.37
N ALA A 109 -32.40 4.20 11.85
CA ALA A 109 -33.13 4.66 10.68
C ALA A 109 -32.69 3.88 9.45
N LYS A 110 -33.64 3.66 8.54
CA LYS A 110 -33.36 2.88 7.33
C LYS A 110 -32.51 3.64 6.33
N ARG A 111 -32.51 4.97 6.37
CA ARG A 111 -31.82 5.77 5.38
C ARG A 111 -30.64 6.55 5.97
N LYS A 112 -30.87 7.35 7.00
CA LYS A 112 -29.83 8.19 7.60
C LYS A 112 -29.57 7.65 9.01
N ALA A 113 -28.52 6.84 9.14
CA ALA A 113 -28.18 6.21 10.40
C ALA A 113 -27.10 7.03 11.11
N GLN A 114 -27.44 7.53 12.29
CA GLN A 114 -26.46 8.21 13.14
C GLN A 114 -26.62 7.80 14.60
N GLY A 115 -27.42 6.80 14.90
CA GLY A 115 -27.66 6.32 16.24
C GLY A 115 -29.08 5.81 16.34
N ILE A 116 -29.29 4.89 17.29
CA ILE A 116 -30.62 4.35 17.51
C ILE A 116 -31.53 5.42 18.08
N ARG A 117 -32.80 5.38 17.69
CA ARG A 117 -33.77 6.40 18.05
C ARG A 117 -34.64 5.90 19.21
N THR A 118 -35.05 6.83 20.07
CA THR A 118 -35.78 6.50 21.29
C THR A 118 -37.28 6.76 21.21
N GLY A 119 -37.74 7.48 20.19
CA GLY A 119 -39.15 7.76 20.03
C GLY A 119 -39.62 9.06 20.66
N LYS A 120 -38.82 9.69 21.50
CA LYS A 120 -39.12 11.01 22.05
C LYS A 120 -38.11 12.00 21.49
N CYS A 121 -38.59 13.13 21.00
CA CYS A 121 -37.75 14.07 20.27
C CYS A 121 -37.69 15.41 20.99
N VAL A 122 -36.49 15.99 21.03
CA VAL A 122 -36.23 17.22 21.76
C VAL A 122 -35.78 18.30 20.79
N ALA A 123 -35.46 19.48 21.32
CA ALA A 123 -35.19 20.66 20.50
C ALA A 123 -33.72 20.71 20.12
N PHE A 124 -33.43 20.50 18.83
CA PHE A 124 -32.13 20.84 18.25
C PHE A 124 -32.25 22.28 17.78
N ASN A 125 -31.77 23.21 18.60
CA ASN A 125 -32.20 24.60 18.48
C ASN A 125 -31.50 25.35 17.34
N ASP A 126 -31.48 24.77 16.16
CA ASP A 126 -31.26 25.53 14.93
C ASP A 126 -32.60 25.88 14.28
N THR A 127 -33.50 26.45 15.10
CA THR A 127 -34.86 26.81 14.70
C THR A 127 -35.65 25.55 14.32
N VAL A 128 -35.05 24.38 14.47
CA VAL A 128 -35.67 23.12 14.08
C VAL A 128 -35.85 22.22 15.29
N LYS A 129 -36.38 21.02 15.08
CA LYS A 129 -36.58 20.06 16.16
C LYS A 129 -36.42 18.66 15.58
N THR A 130 -35.27 18.05 15.83
CA THR A 130 -34.98 16.69 15.39
C THR A 130 -35.33 15.71 16.51
N CYS A 131 -35.04 14.43 16.28
CA CYS A 131 -35.41 13.40 17.25
C CYS A 131 -34.17 12.79 17.89
N GLU A 132 -34.32 12.40 19.15
CA GLU A 132 -33.20 11.94 19.96
C GLU A 132 -32.61 10.66 19.39
N ILE A 133 -31.28 10.55 19.50
CA ILE A 133 -30.55 9.35 19.10
C ILE A 133 -29.54 9.03 20.18
N PHE A 134 -29.08 7.79 20.18
CA PHE A 134 -27.96 7.36 21.01
C PHE A 134 -26.75 7.18 20.11
N GLY A 135 -25.76 8.05 20.27
CA GLY A 135 -24.58 7.97 19.44
C GLY A 135 -23.58 9.01 19.87
N TRP A 136 -22.59 9.25 19.01
CA TRP A 136 -21.54 10.21 19.31
C TRP A 136 -22.12 11.62 19.34
N CYS A 137 -22.28 12.17 20.54
CA CYS A 137 -22.88 13.47 20.72
C CYS A 137 -21.86 14.46 21.28
N PRO A 138 -21.84 15.70 20.82
CA PRO A 138 -22.76 16.31 19.85
C PRO A 138 -22.48 15.85 18.42
N VAL A 139 -23.37 16.15 17.48
CA VAL A 139 -23.28 15.67 16.11
C VAL A 139 -22.46 16.67 15.30
N GLU A 140 -21.59 16.15 14.43
CA GLU A 140 -20.75 17.00 13.60
C GLU A 140 -21.59 17.84 12.66
N VAL A 141 -21.21 19.12 12.53
CA VAL A 141 -21.85 20.04 11.61
C VAL A 141 -20.77 20.50 10.63
N ASP A 142 -20.66 19.81 9.51
CA ASP A 142 -19.63 20.09 8.51
C ASP A 142 -20.20 20.78 7.28
N ASP A 143 -21.21 21.62 7.46
CA ASP A 143 -21.81 22.31 6.33
C ASP A 143 -20.85 23.31 5.70
N ASP A 144 -20.10 24.04 6.52
CA ASP A 144 -19.21 25.11 6.05
C ASP A 144 -17.77 24.63 6.11
N ILE A 145 -17.18 24.41 4.94
CA ILE A 145 -15.74 24.11 4.86
C ILE A 145 -14.96 25.39 5.12
N PRO A 146 -13.98 25.38 6.02
CA PRO A 146 -13.21 26.62 6.30
C PRO A 146 -12.51 27.14 5.05
N ARG A 147 -12.93 28.32 4.61
CA ARG A 147 -12.36 28.98 3.44
C ARG A 147 -11.78 30.33 3.86
N PRO A 148 -10.49 30.60 3.63
CA PRO A 148 -9.49 29.74 2.95
C PRO A 148 -9.06 28.57 3.82
N ALA A 149 -8.28 27.65 3.26
CA ALA A 149 -7.86 26.46 4.00
C ALA A 149 -7.05 26.85 5.23
N LEU A 150 -7.27 26.10 6.32
CA LEU A 150 -6.55 26.39 7.55
C LEU A 150 -5.05 26.16 7.40
N LEU A 151 -4.67 25.09 6.71
CA LEU A 151 -3.26 24.78 6.47
C LEU A 151 -2.84 25.28 5.09
N ARG A 152 -2.91 26.61 4.92
CA ARG A 152 -2.44 27.22 3.68
C ARG A 152 -0.92 27.16 3.56
N GLU A 153 -0.21 26.98 4.66
CA GLU A 153 1.24 26.87 4.62
C GLU A 153 1.71 25.59 3.94
N ALA A 154 0.81 24.64 3.68
CA ALA A 154 1.17 23.42 2.98
C ALA A 154 1.61 23.67 1.54
N GLU A 155 1.36 24.85 1.00
CA GLU A 155 1.83 25.18 -0.34
C GLU A 155 3.36 25.19 -0.38
N ASN A 156 3.99 25.72 0.65
CA ASN A 156 5.44 25.86 0.70
C ASN A 156 6.14 24.64 1.29
N PHE A 157 5.39 23.63 1.74
CA PHE A 157 6.02 22.43 2.28
C PHE A 157 6.81 21.72 1.20
N THR A 158 7.98 21.22 1.56
CA THR A 158 8.87 20.53 0.63
C THR A 158 8.78 19.02 0.86
N LEU A 159 8.59 18.28 -0.23
CA LEU A 159 8.51 16.83 -0.20
C LEU A 159 9.79 16.27 -0.80
N PHE A 160 10.50 15.46 -0.01
CA PHE A 160 11.78 14.89 -0.42
C PHE A 160 11.56 13.41 -0.72
N ILE A 161 11.65 13.05 -2.00
CA ILE A 161 11.42 11.70 -2.46
C ILE A 161 12.78 11.03 -2.65
N LYS A 162 13.00 9.93 -1.94
CA LYS A 162 14.24 9.16 -2.02
C LYS A 162 13.90 7.78 -2.55
N ASN A 163 14.07 7.57 -3.85
CA ASN A 163 13.70 6.34 -4.52
C ASN A 163 14.96 5.57 -4.89
N SER A 164 15.06 4.34 -4.41
CA SER A 164 16.18 3.45 -4.72
C SER A 164 15.65 2.22 -5.42
N ILE A 165 16.24 1.89 -6.57
CA ILE A 165 15.77 0.80 -7.41
C ILE A 165 16.89 -0.22 -7.60
N SER A 166 16.49 -1.41 -8.07
CA SER A 166 17.44 -2.46 -8.40
C SER A 166 16.85 -3.28 -9.54
N PHE A 167 17.69 -3.59 -10.54
CA PHE A 167 17.24 -4.35 -11.69
C PHE A 167 17.54 -5.83 -11.46
N PRO A 168 16.55 -6.70 -11.36
CA PRO A 168 16.84 -8.13 -11.19
C PRO A 168 17.44 -8.72 -12.45
N ARG A 169 18.19 -9.81 -12.25
CA ARG A 169 18.90 -10.53 -13.31
C ARG A 169 19.99 -9.71 -13.97
N PHE A 170 20.33 -8.55 -13.41
CA PHE A 170 21.42 -7.73 -13.91
C PHE A 170 22.37 -7.26 -12.82
N LYS A 171 22.03 -7.42 -11.55
CA LYS A 171 22.90 -7.06 -10.42
C LYS A 171 23.32 -5.60 -10.47
N VAL A 172 22.40 -4.72 -10.86
CA VAL A 172 22.62 -3.28 -10.88
C VAL A 172 21.53 -2.60 -10.10
N ASN A 173 21.91 -1.72 -9.17
CA ASN A 173 20.98 -0.96 -8.36
C ASN A 173 21.35 0.51 -8.38
N ARG A 174 20.36 1.38 -8.48
CA ARG A 174 20.58 2.81 -8.57
C ARG A 174 19.58 3.53 -7.67
N ARG A 175 19.95 4.74 -7.27
CA ARG A 175 19.10 5.60 -6.45
C ARG A 175 18.80 6.89 -7.21
N ASN A 176 17.55 7.36 -7.10
CA ASN A 176 17.18 8.61 -7.75
C ASN A 176 17.96 9.78 -7.18
N LEU A 177 18.35 9.71 -5.91
CA LEU A 177 19.20 10.72 -5.29
C LEU A 177 20.61 10.52 -5.81
N VAL A 178 20.97 11.28 -6.84
CA VAL A 178 22.22 11.04 -7.55
C VAL A 178 23.42 11.41 -6.67
N GLU A 179 24.44 10.56 -6.69
CA GLU A 179 25.66 10.76 -5.91
C GLU A 179 26.69 11.43 -6.80
N GLU A 180 26.59 12.75 -6.92
CA GLU A 180 27.54 13.53 -7.68
C GLU A 180 27.99 14.80 -6.97
N VAL A 181 27.31 15.24 -5.92
CA VAL A 181 27.64 16.46 -5.20
C VAL A 181 27.34 16.22 -3.72
N ASN A 182 27.90 17.07 -2.85
CA ASN A 182 27.80 16.94 -1.41
C ASN A 182 26.86 18.01 -0.86
N ALA A 183 26.83 18.13 0.47
CA ALA A 183 25.95 19.06 1.14
C ALA A 183 26.27 20.50 0.72
N ALA A 184 25.34 21.40 1.07
CA ALA A 184 25.38 22.84 0.77
C ALA A 184 25.15 23.09 -0.72
N HIS A 185 25.10 22.02 -1.50
CA HIS A 185 24.68 22.06 -2.90
C HIS A 185 23.61 21.03 -3.19
N MET A 186 23.68 19.85 -2.58
CA MET A 186 22.60 18.88 -2.62
C MET A 186 21.55 19.13 -1.55
N LYS A 187 21.83 20.00 -0.59
CA LYS A 187 20.88 20.43 0.42
C LYS A 187 20.40 21.86 0.19
N THR A 188 20.45 22.33 -1.06
CA THR A 188 19.99 23.66 -1.42
C THR A 188 19.07 23.53 -2.64
N CYS A 189 19.27 22.48 -3.42
CA CYS A 189 18.49 22.28 -4.64
C CYS A 189 17.00 22.18 -4.36
N LEU A 190 16.22 22.76 -5.27
CA LEU A 190 14.78 22.59 -5.34
C LEU A 190 14.41 22.19 -6.76
N PHE A 191 13.47 21.26 -6.89
CA PHE A 191 13.17 20.66 -8.18
C PHE A 191 12.53 21.66 -9.13
N HIS A 192 12.87 21.52 -10.42
CA HIS A 192 12.22 22.25 -11.50
C HIS A 192 12.22 21.35 -12.73
N LYS A 193 11.15 21.44 -13.52
CA LYS A 193 11.01 20.54 -14.66
C LYS A 193 12.11 20.75 -15.69
N THR A 194 12.67 21.95 -15.77
CA THR A 194 13.75 22.24 -16.71
C THR A 194 15.02 22.69 -16.02
N LEU A 195 14.94 23.58 -15.03
CA LEU A 195 16.15 24.12 -14.42
C LEU A 195 16.88 23.06 -13.62
N HIS A 196 16.17 22.32 -12.76
CA HIS A 196 16.77 21.32 -11.89
C HIS A 196 15.99 20.02 -12.02
N PRO A 197 16.17 19.29 -13.12
CA PRO A 197 15.40 18.05 -13.30
C PRO A 197 15.88 16.91 -12.41
N LEU A 198 17.12 16.94 -11.93
CA LEU A 198 17.68 15.86 -11.12
C LEU A 198 17.54 16.12 -9.63
N CYS A 199 17.04 17.28 -9.23
CA CYS A 199 16.83 17.57 -7.82
C CYS A 199 15.69 16.71 -7.27
N PRO A 200 15.90 15.98 -6.17
CA PRO A 200 14.85 15.12 -5.63
C PRO A 200 13.93 15.77 -4.62
N VAL A 201 14.11 17.05 -4.30
CA VAL A 201 13.29 17.75 -3.33
C VAL A 201 12.21 18.53 -4.07
N PHE A 202 10.96 18.16 -3.83
CA PHE A 202 9.83 18.77 -4.49
C PHE A 202 9.04 19.63 -3.51
N GLN A 203 8.50 20.73 -4.00
CA GLN A 203 7.63 21.60 -3.21
C GLN A 203 6.18 21.28 -3.53
N LEU A 204 5.35 21.22 -2.49
CA LEU A 204 3.96 20.79 -2.66
C LEU A 204 3.21 21.72 -3.60
N GLY A 205 3.41 23.03 -3.46
CA GLY A 205 2.75 23.97 -4.37
C GLY A 205 3.19 23.78 -5.81
N TYR A 206 4.48 23.52 -6.02
CA TYR A 206 4.97 23.27 -7.38
C TYR A 206 4.45 21.95 -7.92
N VAL A 207 4.39 20.91 -7.07
CA VAL A 207 3.91 19.61 -7.51
C VAL A 207 2.44 19.70 -7.92
N VAL A 208 1.62 20.36 -7.11
CA VAL A 208 0.21 20.50 -7.44
C VAL A 208 0.03 21.33 -8.70
N GLN A 209 0.80 22.42 -8.83
CA GLN A 209 0.68 23.28 -10.01
C GLN A 209 1.08 22.53 -11.28
N GLU A 210 2.14 21.73 -11.22
CA GLU A 210 2.60 21.00 -12.40
C GLU A 210 1.64 19.91 -12.84
N SER A 211 0.65 19.57 -12.03
CA SER A 211 -0.35 18.59 -12.40
C SER A 211 -1.59 19.22 -13.04
N GLY A 212 -1.56 20.53 -13.27
CA GLY A 212 -2.70 21.21 -13.86
C GLY A 212 -3.78 21.63 -12.90
N GLN A 213 -3.54 21.54 -11.60
CA GLN A 213 -4.53 21.87 -10.60
C GLN A 213 -4.10 23.12 -9.81
N ASN A 214 -5.09 23.90 -9.40
CA ASN A 214 -4.86 25.08 -8.58
C ASN A 214 -4.80 24.68 -7.12
N PHE A 215 -3.73 25.09 -6.44
CA PHE A 215 -3.56 24.71 -5.04
C PHE A 215 -4.59 25.39 -4.14
N SER A 216 -5.04 26.59 -4.53
CA SER A 216 -6.00 27.32 -3.71
C SER A 216 -7.30 26.54 -3.54
N THR A 217 -7.80 25.95 -4.62
CA THR A 217 -9.00 25.13 -4.55
C THR A 217 -8.71 23.67 -4.19
N LEU A 218 -7.45 23.24 -4.28
CA LEU A 218 -7.08 21.89 -3.90
C LEU A 218 -6.70 21.77 -2.43
N ALA A 219 -6.59 22.89 -1.71
CA ALA A 219 -6.31 22.84 -0.28
C ALA A 219 -7.59 22.87 0.56
N GLU A 220 -8.60 23.60 0.11
CA GLU A 220 -9.84 23.69 0.87
C GLU A 220 -10.62 22.37 0.83
N LYS A 221 -10.76 21.79 -0.36
CA LYS A 221 -11.53 20.56 -0.52
C LYS A 221 -10.67 19.32 -0.71
N GLY A 222 -9.37 19.47 -0.94
CA GLY A 222 -8.51 18.34 -1.16
C GLY A 222 -8.44 17.93 -2.61
N GLY A 223 -7.60 16.94 -2.87
CA GLY A 223 -7.42 16.42 -4.22
C GLY A 223 -6.48 15.26 -4.21
N VAL A 224 -6.28 14.68 -5.40
CA VAL A 224 -5.40 13.54 -5.59
C VAL A 224 -4.38 13.90 -6.65
N VAL A 225 -3.10 13.75 -6.32
CA VAL A 225 -2.00 14.06 -7.22
C VAL A 225 -1.12 12.82 -7.32
N GLY A 226 -0.80 12.42 -8.55
CA GLY A 226 0.04 11.26 -8.80
C GLY A 226 1.41 11.68 -9.32
N ILE A 227 2.45 11.09 -8.73
CA ILE A 227 3.83 11.34 -9.12
C ILE A 227 4.41 10.04 -9.64
N THR A 228 4.91 10.06 -10.87
CA THR A 228 5.47 8.88 -11.50
C THR A 228 6.97 9.08 -11.72
N ILE A 229 7.75 8.11 -11.27
CA ILE A 229 9.19 8.08 -11.48
C ILE A 229 9.49 6.97 -12.49
N ASP A 230 10.07 7.34 -13.62
CA ASP A 230 10.30 6.43 -14.73
C ASP A 230 11.79 6.22 -14.92
N TRP A 231 12.23 4.96 -14.84
CA TRP A 231 13.63 4.60 -15.05
C TRP A 231 13.76 3.97 -16.43
N HIS A 232 13.88 4.83 -17.44
CA HIS A 232 14.03 4.40 -18.83
C HIS A 232 15.49 4.54 -19.22
N CYS A 233 16.23 3.43 -19.13
CA CYS A 233 17.65 3.43 -19.47
C CYS A 233 18.04 2.05 -19.95
N ASP A 234 19.15 2.00 -20.69
CA ASP A 234 19.71 0.75 -21.18
C ASP A 234 21.10 0.57 -20.61
N LEU A 235 21.45 -0.69 -20.34
CA LEU A 235 22.75 -1.01 -19.74
C LEU A 235 23.88 -1.03 -20.75
N ASP A 236 23.59 -0.91 -22.05
CA ASP A 236 24.64 -0.86 -23.05
C ASP A 236 25.54 0.35 -22.83
N TRP A 237 24.95 1.51 -22.56
CA TRP A 237 25.71 2.70 -22.21
C TRP A 237 26.16 2.63 -20.76
N HIS A 238 26.89 3.64 -20.32
CA HIS A 238 27.34 3.68 -18.94
C HIS A 238 26.17 3.87 -17.99
N VAL A 239 26.28 3.25 -16.81
CA VAL A 239 25.20 3.31 -15.84
C VAL A 239 24.96 4.72 -15.31
N ARG A 240 25.94 5.62 -15.49
CA ARG A 240 25.75 7.01 -15.08
C ARG A 240 24.69 7.71 -15.92
N HIS A 241 24.36 7.17 -17.10
CA HIS A 241 23.32 7.73 -17.95
C HIS A 241 21.92 7.31 -17.53
N CYS A 242 21.79 6.37 -16.59
CA CYS A 242 20.49 5.92 -16.12
C CYS A 242 20.00 6.87 -15.04
N ARG A 243 19.00 7.68 -15.39
CA ARG A 243 18.48 8.72 -14.53
C ARG A 243 16.96 8.66 -14.49
N PRO A 244 16.35 9.09 -13.39
CA PRO A 244 14.89 9.06 -13.30
C PRO A 244 14.24 10.28 -13.92
N ILE A 245 12.99 10.10 -14.34
CA ILE A 245 12.18 11.16 -14.92
C ILE A 245 10.91 11.29 -14.08
N TYR A 246 10.64 12.50 -13.60
CA TYR A 246 9.50 12.77 -12.74
C TYR A 246 8.39 13.43 -13.53
N GLU A 247 7.19 12.86 -13.46
CA GLU A 247 6.01 13.43 -14.08
C GLU A 247 4.88 13.43 -13.08
N PHE A 248 4.15 14.54 -12.99
CA PHE A 248 3.05 14.70 -12.06
C PHE A 248 1.73 14.71 -12.82
N HIS A 249 0.83 13.83 -12.44
CA HIS A 249 -0.44 13.64 -13.12
C HIS A 249 -1.58 14.17 -12.27
N GLY A 250 -2.47 14.95 -12.90
CA GLY A 250 -3.74 15.25 -12.28
C GLY A 250 -4.72 14.13 -12.60
N LEU A 251 -4.90 13.23 -11.65
CA LEU A 251 -5.64 12.00 -11.91
C LEU A 251 -7.09 12.29 -12.26
N TYR A 252 -7.59 11.58 -13.27
CA TYR A 252 -8.94 11.78 -13.80
C TYR A 252 -9.14 13.21 -14.30
N GLU A 253 -8.05 13.83 -14.80
CA GLU A 253 -8.01 15.20 -15.28
C GLU A 253 -8.79 16.14 -14.36
N GLU A 254 -8.72 15.89 -13.05
CA GLU A 254 -9.43 16.63 -12.01
C GLU A 254 -10.90 16.88 -12.36
N LYS A 255 -11.46 16.01 -13.22
CA LYS A 255 -12.82 16.15 -13.72
C LYS A 255 -13.10 17.56 -14.19
N ASN A 256 -13.97 18.27 -13.49
CA ASN A 256 -14.19 19.69 -13.69
C ASN A 256 -13.80 20.51 -12.48
N LEU A 257 -14.29 20.14 -11.29
CA LEU A 257 -13.86 20.76 -10.05
C LEU A 257 -13.50 19.66 -9.05
N SER A 258 -14.16 18.51 -9.17
CA SER A 258 -13.98 17.31 -8.35
C SER A 258 -14.43 17.53 -6.91
N PRO A 259 -14.99 16.51 -6.25
CA PRO A 259 -15.34 16.66 -4.84
C PRO A 259 -14.13 16.79 -3.94
N GLY A 260 -12.93 16.46 -4.42
CA GLY A 260 -11.75 16.48 -3.60
C GLY A 260 -11.62 15.23 -2.76
N PHE A 261 -10.58 15.22 -1.92
CA PHE A 261 -10.29 14.09 -1.04
C PHE A 261 -10.54 14.50 0.41
N ASN A 262 -11.35 13.72 1.11
CA ASN A 262 -11.62 13.96 2.52
C ASN A 262 -11.87 12.63 3.21
N PHE A 263 -11.60 12.61 4.51
CA PHE A 263 -11.85 11.43 5.33
C PHE A 263 -12.00 11.86 6.78
N ARG A 264 -12.54 10.96 7.59
CA ARG A 264 -12.79 11.22 9.00
C ARG A 264 -11.91 10.31 9.85
N PHE A 265 -11.21 10.91 10.81
CA PHE A 265 -10.44 10.16 11.80
C PHE A 265 -10.69 10.78 13.16
N ALA A 266 -10.49 9.97 14.20
CA ALA A 266 -10.83 10.37 15.56
C ALA A 266 -9.65 10.15 16.50
N ARG A 267 -9.58 10.97 17.54
CA ARG A 267 -8.60 10.85 18.61
C ARG A 267 -9.36 10.52 19.89
N HIS A 268 -9.27 9.28 20.34
CA HIS A 268 -10.01 8.82 21.50
C HIS A 268 -9.23 9.10 22.77
N PHE A 269 -9.90 9.70 23.76
CA PHE A 269 -9.29 9.99 25.04
C PHE A 269 -10.29 9.69 26.14
N VAL A 270 -9.78 9.56 27.37
CA VAL A 270 -10.59 9.20 28.53
C VAL A 270 -10.49 10.33 29.55
N GLU A 271 -11.65 10.79 30.04
CA GLU A 271 -11.72 11.86 31.03
C GLU A 271 -12.61 11.38 32.17
N ASN A 272 -12.01 11.23 33.35
CA ASN A 272 -12.74 10.80 34.55
C ASN A 272 -13.46 9.48 34.34
N GLY A 273 -12.81 8.56 33.63
CA GLY A 273 -13.36 7.24 33.40
C GLY A 273 -14.36 7.14 32.26
N THR A 274 -14.61 8.23 31.54
CA THR A 274 -15.55 8.24 30.43
C THR A 274 -14.79 8.36 29.11
N ASN A 275 -15.18 7.55 28.14
CA ASN A 275 -14.51 7.51 26.85
C ASN A 275 -15.07 8.61 25.95
N TYR A 276 -14.22 9.54 25.54
CA TYR A 276 -14.56 10.61 24.63
C TYR A 276 -13.78 10.43 23.33
N ARG A 277 -13.94 11.39 22.42
CA ARG A 277 -13.19 11.39 21.18
C ARG A 277 -13.26 12.77 20.53
N HIS A 278 -12.24 13.08 19.72
CA HIS A 278 -12.20 14.29 18.91
C HIS A 278 -12.42 13.88 17.45
N LEU A 279 -13.56 14.28 16.89
CA LEU A 279 -13.89 13.95 15.52
C LEU A 279 -13.28 14.98 14.57
N PHE A 280 -12.51 14.50 13.60
CA PHE A 280 -11.87 15.35 12.61
C PHE A 280 -12.40 14.98 11.23
N LYS A 281 -12.74 15.99 10.43
CA LYS A 281 -13.04 15.82 9.01
C LYS A 281 -11.85 16.41 8.25
N VAL A 282 -10.96 15.54 7.80
CA VAL A 282 -9.68 15.96 7.23
C VAL A 282 -9.84 16.19 5.74
N PHE A 283 -9.49 17.38 5.27
CA PHE A 283 -9.44 17.71 3.85
C PHE A 283 -7.96 17.80 3.47
N GLY A 284 -7.46 16.75 2.81
CA GLY A 284 -6.05 16.67 2.48
C GLY A 284 -5.83 16.34 1.02
N ILE A 285 -4.57 16.48 0.61
CA ILE A 285 -4.15 16.16 -0.74
C ILE A 285 -3.42 14.82 -0.72
N ARG A 286 -3.94 13.84 -1.45
CA ARG A 286 -3.36 12.51 -1.48
C ARG A 286 -2.31 12.44 -2.59
N PHE A 287 -1.12 11.96 -2.25
CA PHE A 287 -0.02 11.81 -3.19
C PHE A 287 0.23 10.33 -3.42
N ASP A 288 0.19 9.92 -4.68
CA ASP A 288 0.47 8.54 -5.08
C ASP A 288 1.77 8.52 -5.85
N ILE A 289 2.73 7.71 -5.39
CA ILE A 289 4.03 7.58 -6.04
C ILE A 289 4.17 6.15 -6.51
N LEU A 290 4.24 5.96 -7.83
CA LEU A 290 4.43 4.65 -8.43
C LEU A 290 5.65 4.70 -9.35
N VAL A 291 6.54 3.73 -9.19
CA VAL A 291 7.81 3.70 -9.91
C VAL A 291 7.82 2.47 -10.82
N ASP A 292 8.09 2.70 -12.10
CA ASP A 292 8.21 1.63 -13.07
C ASP A 292 9.26 2.02 -14.11
N GLY A 293 9.96 1.01 -14.62
CA GLY A 293 10.98 1.26 -15.62
C GLY A 293 11.40 -0.03 -16.28
N LYS A 294 12.05 0.12 -17.43
CA LYS A 294 12.53 -1.02 -18.21
C LYS A 294 14.00 -0.80 -18.55
N ALA A 295 14.79 -1.87 -18.45
CA ALA A 295 16.20 -1.81 -18.77
C ALA A 295 16.65 -3.16 -19.30
N GLY A 296 17.77 -3.15 -20.01
CA GLY A 296 18.31 -4.37 -20.57
C GLY A 296 19.76 -4.22 -20.94
N LYS A 297 20.40 -5.37 -21.16
CA LYS A 297 21.80 -5.42 -21.57
C LYS A 297 21.93 -6.39 -22.75
N PHE A 298 22.93 -6.13 -23.58
CA PHE A 298 23.13 -6.94 -24.78
C PHE A 298 23.46 -8.38 -24.41
N ASP A 299 22.83 -9.31 -25.12
CA ASP A 299 23.05 -10.74 -24.91
C ASP A 299 23.01 -11.46 -26.24
N ILE A 300 23.60 -12.65 -26.27
CA ILE A 300 23.73 -13.39 -27.53
C ILE A 300 22.38 -13.91 -27.99
N ILE A 301 21.56 -14.41 -27.07
CA ILE A 301 20.28 -15.03 -27.46
C ILE A 301 19.34 -14.04 -28.14
N PRO A 302 19.10 -12.84 -27.61
CA PRO A 302 18.24 -11.89 -28.35
C PRO A 302 18.78 -11.54 -29.72
N THR A 303 20.10 -11.41 -29.85
CA THR A 303 20.68 -11.12 -31.16
C THR A 303 20.45 -12.27 -32.13
N MET A 304 20.59 -13.51 -31.66
CA MET A 304 20.32 -14.66 -32.52
C MET A 304 18.85 -14.71 -32.93
N THR A 305 17.95 -14.43 -31.99
CA THR A 305 16.52 -14.42 -32.34
C THR A 305 16.22 -13.32 -33.36
N THR A 306 16.81 -12.15 -33.18
CA THR A 306 16.59 -11.05 -34.13
C THR A 306 17.14 -11.41 -35.51
N ILE A 307 18.32 -12.03 -35.56
CA ILE A 307 18.89 -12.45 -36.84
C ILE A 307 17.98 -13.46 -37.53
N GLY A 308 17.49 -14.44 -36.76
CA GLY A 308 16.59 -15.43 -37.34
C GLY A 308 15.30 -14.82 -37.84
N SER A 309 14.73 -13.89 -37.08
CA SER A 309 13.51 -13.23 -37.52
C SER A 309 13.73 -12.40 -38.78
N GLY A 310 14.85 -11.65 -38.83
CA GLY A 310 15.12 -10.83 -39.99
C GLY A 310 15.41 -11.64 -41.24
N ILE A 311 16.14 -12.74 -41.09
CA ILE A 311 16.46 -13.58 -42.25
C ILE A 311 15.19 -14.20 -42.82
N GLY A 312 14.27 -14.59 -41.95
CA GLY A 312 13.02 -15.16 -42.42
C GLY A 312 12.16 -14.15 -43.16
N ILE A 313 12.16 -12.89 -42.72
CA ILE A 313 11.40 -11.86 -43.39
C ILE A 313 11.93 -11.61 -44.79
N PHE A 314 13.25 -11.73 -44.98
CA PHE A 314 13.83 -11.57 -46.31
C PHE A 314 13.34 -12.66 -47.26
N GLY A 315 13.22 -13.89 -46.75
CA GLY A 315 12.69 -14.97 -47.57
C GLY A 315 11.24 -14.75 -47.98
N VAL A 316 10.46 -14.11 -47.10
CA VAL A 316 9.06 -13.84 -47.42
C VAL A 316 8.95 -12.86 -48.58
N ALA A 317 9.88 -11.90 -48.65
CA ALA A 317 9.86 -10.94 -49.75
C ALA A 317 10.09 -11.62 -51.09
N THR A 318 11.01 -12.60 -51.13
CA THR A 318 11.27 -13.32 -52.37
C THR A 318 10.05 -14.12 -52.81
N VAL A 319 9.36 -14.75 -51.86
CA VAL A 319 8.16 -15.52 -52.18
C VAL A 319 7.08 -14.61 -52.74
N LEU A 320 6.87 -13.45 -52.11
CA LEU A 320 5.88 -12.51 -52.59
C LEU A 320 6.27 -11.96 -53.97
N CYS A 321 7.55 -11.66 -54.16
CA CYS A 321 8.01 -11.14 -55.44
C CYS A 321 7.87 -12.18 -56.55
N ASP A 322 7.94 -13.46 -56.21
CA ASP A 322 7.80 -14.52 -57.20
C ASP A 322 6.39 -14.58 -57.78
N LEU A 323 5.40 -14.03 -57.08
CA LEU A 323 4.02 -14.04 -57.58
C LEU A 323 3.80 -12.89 -58.56
N ILE B 4 24.20 -30.76 -49.92
CA ILE B 4 24.42 -29.52 -50.65
C ILE B 4 24.02 -28.33 -49.80
N PHE B 5 23.68 -27.22 -50.45
CA PHE B 5 23.27 -26.02 -49.72
C PHE B 5 21.98 -26.27 -48.96
N ARG B 6 21.01 -26.97 -49.58
CA ARG B 6 19.76 -27.28 -48.90
C ARG B 6 19.99 -28.20 -47.71
N LEU B 7 20.86 -29.21 -47.87
CA LEU B 7 21.12 -30.13 -46.78
C LEU B 7 21.79 -29.43 -45.60
N ILE B 8 22.74 -28.54 -45.88
CA ILE B 8 23.42 -27.82 -44.81
C ILE B 8 22.45 -26.88 -44.09
N GLN B 9 21.60 -26.20 -44.85
CA GLN B 9 20.65 -25.26 -44.24
C GLN B 9 19.60 -25.99 -43.40
N LEU B 10 19.26 -27.22 -43.77
CA LEU B 10 18.26 -27.97 -43.01
C LEU B 10 18.75 -28.28 -41.61
N VAL B 11 20.03 -28.64 -41.48
CA VAL B 11 20.58 -28.97 -40.16
C VAL B 11 20.61 -27.74 -39.27
N VAL B 12 20.99 -26.59 -39.83
CA VAL B 12 21.08 -25.36 -39.03
C VAL B 12 19.69 -24.92 -38.58
N LEU B 13 18.67 -25.14 -39.41
CA LEU B 13 17.33 -24.68 -39.08
C LEU B 13 16.82 -25.34 -37.80
N VAL B 14 16.96 -26.66 -37.71
CA VAL B 14 16.47 -27.37 -36.52
C VAL B 14 17.27 -26.97 -35.29
N TYR B 15 18.60 -26.86 -35.43
CA TYR B 15 19.43 -26.47 -34.29
C TYR B 15 19.12 -25.06 -33.83
N VAL B 16 18.94 -24.13 -34.77
CA VAL B 16 18.63 -22.75 -34.41
C VAL B 16 17.24 -22.66 -33.79
N ILE B 17 16.26 -23.32 -34.42
CA ILE B 17 14.90 -23.31 -33.88
C ILE B 17 14.83 -24.06 -32.56
N GLY B 18 15.73 -25.03 -32.36
CA GLY B 18 15.72 -25.78 -31.11
C GLY B 18 15.97 -24.92 -29.90
N TRP B 19 16.94 -24.00 -30.00
CA TRP B 19 17.17 -23.07 -28.91
C TRP B 19 16.14 -21.95 -28.87
N VAL B 20 15.65 -21.53 -30.04
CA VAL B 20 14.71 -20.41 -30.10
C VAL B 20 13.34 -20.83 -29.55
N PHE B 21 12.84 -21.98 -29.98
CA PHE B 21 11.48 -22.38 -29.65
C PHE B 21 11.39 -23.69 -28.87
N LEU B 22 12.24 -24.67 -29.15
CA LEU B 22 12.17 -25.92 -28.41
C LEU B 22 12.77 -25.80 -27.01
N TYR B 23 13.51 -24.73 -26.73
CA TYR B 23 14.13 -24.51 -25.43
C TYR B 23 13.57 -23.31 -24.70
N GLU B 24 13.55 -22.14 -25.33
CA GLU B 24 13.09 -20.92 -24.68
C GLU B 24 11.58 -20.78 -24.73
N LYS B 25 10.87 -21.82 -24.31
CA LYS B 25 9.41 -21.84 -24.27
C LYS B 25 8.81 -21.41 -25.60
N GLY B 26 7.75 -20.59 -25.56
CA GLY B 26 7.06 -20.19 -26.76
C GLY B 26 5.81 -21.03 -26.99
N TYR B 27 5.91 -22.31 -26.68
CA TYR B 27 4.75 -23.21 -26.70
C TYR B 27 3.94 -23.11 -25.41
N GLN B 28 4.27 -22.17 -24.54
CA GLN B 28 3.64 -22.00 -23.25
C GLN B 28 3.01 -20.62 -23.17
N THR B 29 1.77 -20.56 -22.68
CA THR B 29 1.04 -19.31 -22.60
C THR B 29 1.29 -18.69 -21.23
N SER B 30 2.21 -17.73 -21.17
CA SER B 30 2.51 -17.07 -19.91
C SER B 30 1.34 -16.18 -19.49
N SER B 31 1.07 -16.15 -18.18
CA SER B 31 -0.02 -15.37 -17.62
C SER B 31 0.49 -14.56 -16.43
N GLY B 32 -0.40 -13.78 -15.84
CA GLY B 32 -0.08 -12.97 -14.69
C GLY B 32 -0.36 -13.68 -13.39
N LEU B 33 -0.59 -12.89 -12.34
CA LEU B 33 -0.89 -13.43 -11.02
C LEU B 33 -1.51 -12.34 -10.16
N ILE B 34 -2.31 -12.76 -9.20
CA ILE B 34 -2.86 -11.87 -8.18
C ILE B 34 -2.47 -12.43 -6.81
N SER B 35 -1.82 -11.60 -6.00
CA SER B 35 -1.25 -12.04 -4.74
C SER B 35 -1.94 -11.37 -3.56
N SER B 36 -1.94 -12.06 -2.42
CA SER B 36 -2.50 -11.52 -1.18
C SER B 36 -1.65 -12.07 -0.04
N VAL B 37 -0.77 -11.24 0.50
CA VAL B 37 0.16 -11.63 1.55
C VAL B 37 -0.26 -10.98 2.86
N SER B 38 -0.38 -11.79 3.90
CA SER B 38 -0.71 -11.32 5.25
C SER B 38 0.43 -11.72 6.19
N VAL B 39 0.88 -10.79 7.00
CA VAL B 39 2.06 -10.97 7.85
C VAL B 39 1.65 -10.81 9.30
N LYS B 40 2.04 -11.77 10.13
CA LYS B 40 1.83 -11.73 11.57
C LYS B 40 3.15 -11.91 12.28
N LEU B 41 3.44 -11.04 13.24
CA LEU B 41 4.67 -11.11 14.02
C LEU B 41 4.42 -11.79 15.36
N LYS B 42 5.51 -12.23 15.97
CA LYS B 42 5.44 -12.98 17.23
C LYS B 42 6.68 -12.63 18.05
N GLY B 43 6.55 -11.66 18.94
CA GLY B 43 7.67 -11.26 19.77
C GLY B 43 7.32 -10.18 20.78
N LEU B 44 8.04 -10.18 21.90
CA LEU B 44 7.88 -9.18 22.95
C LEU B 44 9.25 -8.63 23.31
N ALA B 45 9.37 -7.30 23.34
CA ALA B 45 10.64 -6.62 23.60
C ALA B 45 10.52 -5.88 24.92
N VAL B 46 10.82 -6.56 26.02
CA VAL B 46 10.88 -5.95 27.34
C VAL B 46 12.35 -5.75 27.67
N THR B 47 12.88 -4.60 27.29
CA THR B 47 14.28 -4.26 27.55
C THR B 47 14.43 -3.40 28.80
N GLN B 48 13.35 -2.73 29.22
CA GLN B 48 13.35 -1.79 30.33
C GLN B 48 14.17 -0.55 30.00
N LEU B 49 14.27 0.36 30.96
CA LEU B 49 14.95 1.63 30.77
C LEU B 49 15.76 1.93 32.02
N PRO B 50 16.85 2.74 31.90
CA PRO B 50 17.61 3.17 33.08
C PRO B 50 16.92 4.29 33.86
N GLY B 51 15.64 4.10 34.16
CA GLY B 51 14.85 5.08 34.88
C GLY B 51 13.99 4.45 35.95
N LEU B 52 12.68 4.73 35.91
CA LEU B 52 11.74 4.24 36.91
C LEU B 52 10.86 3.17 36.27
N GLY B 53 11.23 1.91 36.45
CA GLY B 53 10.41 0.81 36.03
C GLY B 53 10.71 0.33 34.63
N PRO B 54 10.49 -0.96 34.37
CA PRO B 54 10.68 -1.50 33.04
C PRO B 54 9.50 -1.15 32.13
N GLN B 55 9.69 -1.44 30.84
CA GLN B 55 8.67 -1.21 29.83
C GLN B 55 8.53 -2.44 28.95
N VAL B 56 7.29 -2.71 28.53
CA VAL B 56 6.97 -3.88 27.73
C VAL B 56 6.38 -3.42 26.41
N TRP B 57 6.93 -3.93 25.31
CA TRP B 57 6.47 -3.60 23.97
C TRP B 57 5.97 -4.87 23.29
N ASP B 58 4.66 -4.98 23.13
CA ASP B 58 4.04 -6.12 22.48
C ASP B 58 3.75 -5.78 21.02
N VAL B 59 3.18 -6.76 20.30
CA VAL B 59 2.99 -6.64 18.86
C VAL B 59 2.11 -5.45 18.51
N ALA B 60 1.18 -5.08 19.40
CA ALA B 60 0.31 -3.95 19.16
C ALA B 60 1.04 -2.61 19.23
N ASP B 61 2.29 -2.60 19.66
CA ASP B 61 3.03 -1.35 19.87
C ASP B 61 4.13 -1.11 18.86
N TYR B 62 4.93 -2.12 18.52
CA TYR B 62 6.08 -1.87 17.63
C TYR B 62 5.76 -2.10 16.16
N VAL B 63 4.77 -2.93 15.84
CA VAL B 63 4.32 -3.05 14.45
C VAL B 63 3.35 -1.90 14.20
N PHE B 64 3.80 -0.91 13.43
CA PHE B 64 3.08 0.35 13.36
C PHE B 64 1.86 0.29 12.46
N PRO B 65 1.93 -0.33 11.26
CA PRO B 65 0.68 -0.61 10.55
C PRO B 65 -0.09 -1.71 11.26
N ALA B 66 -1.15 -1.33 11.98
CA ALA B 66 -1.88 -2.30 12.80
C ALA B 66 -2.55 -3.35 11.93
N GLN B 67 -3.16 -2.94 10.81
CA GLN B 67 -3.82 -3.88 9.93
C GLN B 67 -2.84 -4.84 9.27
N GLY B 68 -1.55 -4.50 9.25
CA GLY B 68 -0.55 -5.40 8.72
C GLY B 68 -0.35 -5.30 7.23
N ASP B 69 -0.01 -4.11 6.75
CA ASP B 69 0.30 -3.93 5.34
C ASP B 69 1.53 -4.73 4.96
N ASN B 70 1.74 -4.89 3.65
CA ASN B 70 2.91 -5.61 3.17
C ASN B 70 4.21 -4.84 3.39
N SER B 71 4.12 -3.58 3.79
CA SER B 71 5.29 -2.77 4.14
C SER B 71 5.13 -2.31 5.58
N PHE B 72 5.72 -3.05 6.52
CA PHE B 72 5.60 -2.74 7.93
C PHE B 72 6.90 -2.15 8.45
N VAL B 73 6.80 -1.44 9.59
CA VAL B 73 7.83 -0.54 10.07
C VAL B 73 8.27 -0.97 11.47
N VAL B 74 8.38 -2.29 11.68
CA VAL B 74 8.69 -2.86 12.99
C VAL B 74 9.79 -2.08 13.69
N MET B 75 9.51 -1.66 14.93
CA MET B 75 10.36 -0.72 15.64
C MET B 75 11.53 -1.41 16.31
N THR B 76 12.70 -0.75 16.27
CA THR B 76 13.89 -1.26 16.93
C THR B 76 14.55 -0.27 17.88
N ASN B 77 14.12 0.99 17.90
CA ASN B 77 14.70 2.02 18.76
C ASN B 77 13.80 3.24 18.74
N PHE B 78 13.85 4.02 19.80
CA PHE B 78 13.01 5.22 19.89
C PHE B 78 13.58 6.17 20.93
N ILE B 79 13.20 7.44 20.79
CA ILE B 79 13.38 8.46 21.82
C ILE B 79 12.08 9.22 21.97
N VAL B 80 11.63 9.41 23.20
CA VAL B 80 10.29 9.91 23.48
C VAL B 80 10.38 11.21 24.25
N THR B 81 9.58 12.20 23.84
CA THR B 81 9.41 13.45 24.57
C THR B 81 7.99 13.48 25.13
N PRO B 82 7.80 13.19 26.41
CA PRO B 82 6.45 13.02 26.95
C PRO B 82 5.81 14.33 27.40
N LYS B 83 4.48 14.31 27.39
CA LYS B 83 3.64 15.41 27.90
C LYS B 83 3.95 16.71 27.18
N GLN B 84 3.68 16.73 25.88
CA GLN B 84 3.90 17.89 25.04
C GLN B 84 2.60 18.67 24.88
N THR B 85 2.64 19.97 25.14
CA THR B 85 1.47 20.83 25.04
C THR B 85 1.85 22.11 24.31
N GLN B 86 0.83 22.76 23.75
CA GLN B 86 1.05 23.98 22.97
C GLN B 86 1.16 25.17 23.92
N GLY B 87 2.32 25.81 23.93
CA GLY B 87 2.55 26.94 24.80
C GLY B 87 3.84 27.65 24.45
N TYR B 88 4.24 28.56 25.34
CA TYR B 88 5.46 29.33 25.18
C TYR B 88 6.57 28.73 26.01
N CYS B 89 7.70 28.43 25.37
CA CYS B 89 8.89 27.98 26.08
C CYS B 89 10.09 28.28 25.19
N ALA B 90 11.26 27.78 25.59
CA ALA B 90 12.50 28.11 24.90
C ALA B 90 12.67 27.27 23.64
N GLU B 91 13.13 27.92 22.58
CA GLU B 91 13.37 27.24 21.30
C GLU B 91 14.62 26.37 21.38
N HIS B 92 14.67 25.35 20.54
CA HIS B 92 15.87 24.55 20.43
C HIS B 92 17.00 25.41 19.86
N PRO B 93 18.24 25.23 20.33
CA PRO B 93 19.35 26.08 19.86
C PRO B 93 19.68 25.90 18.38
N GLU B 94 19.05 24.95 17.69
CA GLU B 94 19.29 24.78 16.26
C GLU B 94 18.89 26.02 15.47
N GLY B 95 17.92 26.79 15.98
CA GLY B 95 17.45 27.97 15.28
C GLY B 95 17.99 29.29 15.82
N GLY B 96 18.02 29.43 17.15
CA GLY B 96 18.42 30.69 17.74
C GLY B 96 19.34 30.58 18.94
N ILE B 97 20.36 31.45 18.98
CA ILE B 97 21.33 31.47 20.07
C ILE B 97 21.41 32.90 20.62
N CYS B 98 20.28 33.61 20.60
CA CYS B 98 20.27 35.04 20.92
C CYS B 98 20.85 35.31 22.30
N LYS B 99 21.23 36.58 22.52
CA LYS B 99 21.63 37.06 23.82
C LYS B 99 20.83 38.28 24.26
N GLU B 100 19.88 38.74 23.45
CA GLU B 100 19.07 39.90 23.78
C GLU B 100 17.74 39.79 23.07
N ASP B 101 16.79 40.63 23.48
CA ASP B 101 15.45 40.59 22.90
C ASP B 101 15.44 40.92 21.42
N SER B 102 16.50 41.57 20.91
CA SER B 102 16.60 41.88 19.49
C SER B 102 17.17 40.73 18.67
N GLY B 103 17.54 39.62 19.31
CA GLY B 103 18.10 38.50 18.57
C GLY B 103 17.10 37.88 17.60
N CYS B 104 15.85 37.73 18.02
CA CYS B 104 14.81 37.15 17.20
C CYS B 104 13.64 38.12 17.04
N THR B 105 13.00 38.07 15.89
CA THR B 105 11.86 38.90 15.56
C THR B 105 10.57 38.11 15.64
N PRO B 106 9.44 38.74 15.95
CA PRO B 106 8.18 38.02 16.02
C PRO B 106 7.78 37.42 14.68
N GLY B 107 7.07 36.30 14.74
CA GLY B 107 6.60 35.61 13.56
C GLY B 107 7.41 34.36 13.27
N LYS B 108 6.85 33.50 12.43
CA LYS B 108 7.52 32.27 12.05
C LYS B 108 8.74 32.57 11.20
N ALA B 109 9.83 31.85 11.46
CA ALA B 109 11.07 32.06 10.74
C ALA B 109 10.94 31.62 9.29
N LYS B 110 11.71 32.27 8.42
CA LYS B 110 11.74 31.90 7.01
C LYS B 110 12.42 30.56 6.76
N ARG B 111 13.06 29.99 7.77
CA ARG B 111 13.77 28.72 7.67
C ARG B 111 13.22 27.77 8.73
N LYS B 112 13.92 26.66 8.95
CA LYS B 112 13.50 25.64 9.89
C LYS B 112 13.12 26.26 11.24
N ALA B 113 11.83 26.14 11.58
CA ALA B 113 11.29 26.74 12.78
C ALA B 113 10.39 25.73 13.50
N GLN B 114 10.27 25.89 14.81
CA GLN B 114 9.44 25.04 15.64
C GLN B 114 8.13 25.70 16.03
N GLY B 115 7.94 26.96 15.68
CA GLY B 115 6.70 27.65 16.01
C GLY B 115 6.87 29.14 15.79
N ILE B 116 5.73 29.84 15.91
CA ILE B 116 5.75 31.29 15.77
C ILE B 116 6.38 31.92 17.00
N ARG B 117 7.25 32.90 16.77
CA ARG B 117 7.93 33.58 17.85
C ARG B 117 7.15 34.81 18.27
N THR B 118 6.99 34.99 19.58
CA THR B 118 6.50 36.26 20.11
C THR B 118 7.64 37.27 20.24
N GLY B 119 8.85 36.79 20.52
CA GLY B 119 10.04 37.59 20.61
C GLY B 119 10.42 37.87 22.04
N LYS B 120 11.30 37.03 22.58
CA LYS B 120 11.84 37.19 23.92
C LYS B 120 13.02 36.25 24.10
N CYS B 121 14.21 36.78 24.38
CA CYS B 121 15.39 35.95 24.57
C CYS B 121 15.34 35.36 25.97
N VAL B 122 14.88 34.11 26.07
CA VAL B 122 14.65 33.46 27.35
C VAL B 122 15.69 32.34 27.53
N ALA B 123 15.68 31.74 28.72
CA ALA B 123 16.69 30.77 29.11
C ALA B 123 16.25 29.37 28.71
N PHE B 124 17.08 28.69 27.91
CA PHE B 124 16.90 27.29 27.57
C PHE B 124 17.70 26.36 28.47
N ASN B 125 18.37 26.92 29.49
CA ASN B 125 19.38 26.19 30.27
C ASN B 125 20.48 25.70 29.35
N ASP B 126 21.28 24.74 29.80
CA ASP B 126 22.43 24.25 29.03
C ASP B 126 23.34 25.40 28.63
N THR B 127 23.53 26.34 29.56
CA THR B 127 24.34 27.56 29.42
C THR B 127 24.16 28.23 28.06
N VAL B 128 22.94 28.21 27.53
CA VAL B 128 22.63 28.84 26.25
C VAL B 128 21.33 29.62 26.40
N LYS B 129 21.16 30.64 25.57
CA LYS B 129 19.98 31.49 25.57
C LYS B 129 19.36 31.50 24.18
N THR B 130 18.03 31.45 24.14
CA THR B 130 17.30 31.38 22.88
C THR B 130 16.03 32.20 22.99
N CYS B 131 15.32 32.34 21.87
CA CYS B 131 14.13 33.18 21.81
C CYS B 131 12.86 32.34 21.92
N GLU B 132 11.85 32.90 22.57
CA GLU B 132 10.60 32.20 22.82
C GLU B 132 9.84 31.96 21.52
N ILE B 133 9.10 30.86 21.50
CA ILE B 133 8.23 30.49 20.39
C ILE B 133 6.93 29.94 20.96
N PHE B 134 5.94 29.79 20.09
CA PHE B 134 4.68 29.14 20.43
C PHE B 134 4.56 27.85 19.63
N GLY B 135 4.35 26.75 20.33
CA GLY B 135 4.22 25.46 19.68
C GLY B 135 4.17 24.37 20.71
N TRP B 136 4.49 23.15 20.28
CA TRP B 136 4.53 22.02 21.20
C TRP B 136 5.74 22.21 22.09
N CYS B 137 5.59 23.07 23.09
CA CYS B 137 6.71 23.67 23.80
C CYS B 137 6.53 23.55 25.31
N PRO B 138 6.54 22.32 25.85
CA PRO B 138 6.99 22.17 27.25
C PRO B 138 8.50 22.07 27.28
N VAL B 139 9.03 21.37 26.27
CA VAL B 139 10.46 21.28 26.00
C VAL B 139 10.61 20.73 24.60
N GLU B 140 11.54 21.31 23.84
CA GLU B 140 11.77 20.84 22.48
C GLU B 140 12.40 19.46 22.48
N VAL B 141 12.07 18.68 21.45
CA VAL B 141 12.64 17.34 21.33
C VAL B 141 14.14 17.44 21.12
N ASP B 142 14.89 16.62 21.85
CA ASP B 142 16.34 16.54 21.72
C ASP B 142 16.67 15.21 21.05
N ASP B 143 17.36 15.28 19.92
CA ASP B 143 17.63 14.11 19.09
C ASP B 143 19.02 13.57 19.38
N ASP B 144 19.08 12.36 19.91
CA ASP B 144 20.34 11.64 20.09
C ASP B 144 20.02 10.16 20.13
N ILE B 145 20.57 9.41 19.17
CA ILE B 145 20.25 7.98 19.09
C ILE B 145 20.91 7.26 20.26
N PRO B 146 20.14 6.53 21.07
CA PRO B 146 20.74 5.81 22.20
C PRO B 146 21.68 4.71 21.72
N ARG B 147 22.57 4.30 22.62
CA ARG B 147 23.49 3.23 22.26
C ARG B 147 23.37 2.01 23.18
N PRO B 148 22.16 1.59 23.61
CA PRO B 148 21.95 0.18 23.92
C PRO B 148 21.23 -0.53 22.78
N ALA B 149 20.78 0.24 21.78
CA ALA B 149 19.87 -0.24 20.75
C ALA B 149 18.59 -0.80 21.38
N LEU B 150 17.85 0.13 21.99
CA LEU B 150 16.77 -0.13 22.96
C LEU B 150 15.97 -1.39 22.68
N LEU B 151 15.39 -1.51 21.50
CA LEU B 151 14.64 -2.72 21.14
C LEU B 151 15.54 -3.66 20.33
N ARG B 152 16.60 -4.11 20.98
CA ARG B 152 17.51 -5.07 20.35
C ARG B 152 16.99 -6.50 20.41
N GLU B 153 15.96 -6.76 21.21
CA GLU B 153 15.36 -8.08 21.27
C GLU B 153 14.58 -8.42 20.00
N ALA B 154 14.38 -7.45 19.11
CA ALA B 154 13.73 -7.70 17.84
C ALA B 154 14.58 -8.58 16.92
N GLU B 155 15.85 -8.80 17.25
CA GLU B 155 16.68 -9.70 16.46
C GLU B 155 16.11 -11.11 16.44
N ASN B 156 15.47 -11.53 17.53
CA ASN B 156 14.89 -12.86 17.62
C ASN B 156 13.41 -12.89 17.26
N PHE B 157 12.84 -11.76 16.86
CA PHE B 157 11.43 -11.72 16.52
C PHE B 157 11.14 -12.59 15.30
N THR B 158 9.91 -13.09 15.23
CA THR B 158 9.51 -14.07 14.23
C THR B 158 8.51 -13.46 13.27
N LEU B 159 8.74 -13.66 11.97
CA LEU B 159 7.81 -13.26 10.93
C LEU B 159 6.98 -14.44 10.48
N PHE B 160 5.92 -14.14 9.73
CA PHE B 160 5.08 -15.17 9.14
C PHE B 160 4.43 -14.56 7.91
N ILE B 161 4.89 -14.97 6.72
CA ILE B 161 4.61 -14.24 5.49
C ILE B 161 3.75 -15.09 4.57
N LYS B 162 2.82 -15.86 5.14
CA LYS B 162 1.89 -16.66 4.36
C LYS B 162 1.29 -15.86 3.22
N ASN B 163 1.43 -16.37 2.00
CA ASN B 163 1.04 -15.69 0.78
C ASN B 163 0.09 -16.57 -0.02
N SER B 164 -0.81 -15.94 -0.77
CA SER B 164 -1.82 -16.64 -1.55
C SER B 164 -1.73 -16.18 -3.01
N ILE B 165 -1.69 -17.16 -3.92
CA ILE B 165 -1.65 -16.91 -5.35
C ILE B 165 -2.89 -17.53 -5.99
N SER B 166 -3.49 -16.81 -6.93
CA SER B 166 -4.73 -17.26 -7.55
C SER B 166 -4.69 -17.36 -9.07
N PHE B 167 -3.80 -16.62 -9.75
CA PHE B 167 -3.67 -16.57 -11.21
C PHE B 167 -4.90 -15.95 -11.85
N PRO B 168 -4.75 -15.22 -12.97
CA PRO B 168 -5.90 -14.48 -13.51
C PRO B 168 -6.93 -15.38 -14.19
N ARG B 169 -6.50 -16.34 -15.00
CA ARG B 169 -7.43 -17.13 -15.80
C ARG B 169 -7.19 -18.64 -15.74
N PHE B 170 -5.99 -19.10 -15.37
CA PHE B 170 -5.73 -20.53 -15.32
C PHE B 170 -6.49 -21.24 -14.21
N LYS B 171 -7.10 -20.50 -13.29
CA LYS B 171 -7.89 -21.08 -12.20
C LYS B 171 -7.07 -22.04 -11.35
N VAL B 172 -5.81 -21.68 -11.12
CA VAL B 172 -4.91 -22.47 -10.26
C VAL B 172 -4.64 -21.65 -9.01
N ASN B 173 -5.02 -22.20 -7.86
CA ASN B 173 -4.85 -21.53 -6.57
C ASN B 173 -3.72 -22.21 -5.81
N ARG B 174 -2.67 -21.45 -5.51
CA ARG B 174 -1.54 -21.93 -4.73
C ARG B 174 -1.21 -20.92 -3.65
N ARG B 175 -0.64 -21.41 -2.55
CA ARG B 175 -0.31 -20.54 -1.43
C ARG B 175 1.06 -20.91 -0.87
N ASN B 176 1.59 -20.02 -0.03
CA ASN B 176 2.93 -20.20 0.52
C ASN B 176 2.99 -21.46 1.38
N LEU B 177 1.99 -21.68 2.23
CA LEU B 177 1.96 -22.84 3.10
C LEU B 177 1.56 -24.05 2.27
N VAL B 178 2.56 -24.78 1.77
CA VAL B 178 2.30 -25.94 0.93
C VAL B 178 1.61 -27.03 1.74
N GLU B 179 1.95 -27.16 3.02
CA GLU B 179 1.30 -28.09 3.94
C GLU B 179 1.45 -29.54 3.50
N GLU B 180 2.50 -29.83 2.72
CA GLU B 180 2.79 -31.22 2.36
C GLU B 180 3.23 -32.03 3.57
N VAL B 181 3.70 -31.37 4.62
CA VAL B 181 4.14 -32.03 5.85
C VAL B 181 3.23 -31.66 7.02
N ASN B 182 2.08 -31.03 6.74
CA ASN B 182 1.06 -30.72 7.74
C ASN B 182 1.61 -29.83 8.87
N ALA B 183 2.04 -28.62 8.49
CA ALA B 183 2.55 -27.62 9.41
C ALA B 183 3.74 -28.17 10.22
N ALA B 184 4.55 -28.99 9.56
CA ALA B 184 5.73 -29.66 10.11
C ALA B 184 5.39 -30.72 11.15
N HIS B 185 4.11 -30.86 11.50
CA HIS B 185 3.61 -31.85 12.45
C HIS B 185 4.05 -31.56 13.88
N MET B 186 4.96 -30.59 14.05
CA MET B 186 5.25 -30.02 15.37
C MET B 186 5.50 -28.52 15.30
N LYS B 187 5.26 -27.88 14.16
CA LYS B 187 5.62 -26.47 13.93
C LYS B 187 7.13 -26.35 14.15
N THR B 188 7.61 -25.31 14.83
CA THR B 188 9.01 -25.17 15.23
C THR B 188 9.95 -25.25 14.03
N CYS B 189 9.65 -24.48 12.99
CA CYS B 189 10.54 -24.35 11.84
C CYS B 189 11.01 -22.91 11.71
N LEU B 190 12.24 -22.75 11.23
CA LEU B 190 12.79 -21.46 10.88
C LEU B 190 13.35 -21.55 9.46
N PHE B 191 13.11 -20.50 8.67
CA PHE B 191 13.55 -20.50 7.28
C PHE B 191 15.07 -20.53 7.19
N HIS B 192 15.58 -21.24 6.19
CA HIS B 192 17.00 -21.24 5.88
C HIS B 192 17.14 -21.39 4.37
N LYS B 193 18.07 -20.62 3.80
CA LYS B 193 18.25 -20.64 2.35
C LYS B 193 18.74 -22.00 1.85
N THR B 194 19.27 -22.85 2.74
CA THR B 194 19.76 -24.16 2.37
C THR B 194 19.01 -25.29 3.09
N LEU B 195 18.85 -25.19 4.40
CA LEU B 195 18.29 -26.29 5.17
C LEU B 195 16.76 -26.34 5.08
N HIS B 196 16.09 -25.21 5.33
CA HIS B 196 14.63 -25.14 5.38
C HIS B 196 14.16 -24.04 4.45
N PRO B 197 14.14 -24.29 3.13
CA PRO B 197 13.71 -23.24 2.19
C PRO B 197 12.21 -23.12 2.05
N LEU B 198 11.43 -24.02 2.64
CA LEU B 198 9.97 -24.00 2.49
C LEU B 198 9.26 -23.57 3.77
N CYS B 199 10.00 -23.11 4.78
CA CYS B 199 9.39 -22.71 6.04
C CYS B 199 9.12 -21.21 6.02
N PRO B 200 7.87 -20.77 6.21
CA PRO B 200 7.53 -19.35 6.04
C PRO B 200 7.71 -18.50 7.28
N VAL B 201 8.52 -18.94 8.24
CA VAL B 201 8.55 -18.36 9.57
C VAL B 201 9.89 -17.66 9.80
N PHE B 202 10.39 -17.01 8.74
CA PHE B 202 11.62 -16.23 8.79
C PHE B 202 11.74 -15.42 10.08
N GLN B 203 12.96 -15.40 10.63
CA GLN B 203 13.28 -14.60 11.80
C GLN B 203 13.87 -13.27 11.37
N LEU B 204 13.64 -12.23 12.18
CA LEU B 204 14.08 -10.89 11.81
C LEU B 204 15.61 -10.82 11.66
N GLY B 205 16.33 -11.43 12.60
CA GLY B 205 17.79 -11.42 12.49
C GLY B 205 18.29 -12.11 11.24
N TYR B 206 17.70 -13.26 10.90
CA TYR B 206 18.07 -13.96 9.68
C TYR B 206 17.71 -13.15 8.45
N VAL B 207 16.53 -12.51 8.45
CA VAL B 207 16.10 -11.71 7.30
C VAL B 207 17.06 -10.54 7.07
N VAL B 208 17.43 -9.84 8.14
CA VAL B 208 18.32 -8.71 8.02
C VAL B 208 19.72 -9.17 7.60
N GLN B 209 20.20 -10.25 8.20
CA GLN B 209 21.54 -10.74 7.90
C GLN B 209 21.66 -11.21 6.45
N GLU B 210 20.66 -11.94 5.96
CA GLU B 210 20.70 -12.44 4.59
C GLU B 210 20.51 -11.34 3.55
N SER B 211 20.14 -10.14 3.95
CA SER B 211 20.07 -9.00 3.06
C SER B 211 21.42 -8.30 2.89
N GLY B 212 22.46 -8.78 3.58
CA GLY B 212 23.77 -8.18 3.51
C GLY B 212 24.04 -7.11 4.55
N GLN B 213 23.06 -6.75 5.36
CA GLN B 213 23.20 -5.71 6.36
C GLN B 213 23.52 -6.31 7.73
N ASN B 214 23.78 -5.43 8.69
CA ASN B 214 24.10 -5.81 10.06
C ASN B 214 22.96 -5.36 10.96
N PHE B 215 22.41 -6.29 11.73
CA PHE B 215 21.27 -5.95 12.59
C PHE B 215 21.68 -5.01 13.71
N SER B 216 22.90 -5.16 14.24
CA SER B 216 23.36 -4.26 15.30
C SER B 216 23.38 -2.82 14.83
N THR B 217 23.56 -2.59 13.53
CA THR B 217 23.44 -1.26 12.95
C THR B 217 22.01 -0.92 12.56
N LEU B 218 21.21 -1.93 12.20
CA LEU B 218 19.82 -1.71 11.82
C LEU B 218 18.89 -1.65 13.03
N ALA B 219 19.36 -2.04 14.21
CA ALA B 219 18.59 -1.89 15.44
C ALA B 219 18.90 -0.59 16.17
N GLU B 220 19.89 0.16 15.69
CA GLU B 220 20.24 1.46 16.26
C GLU B 220 19.55 2.59 15.51
N LYS B 221 19.83 2.70 14.22
CA LYS B 221 19.07 3.53 13.31
C LYS B 221 18.10 2.66 12.54
N GLY B 222 17.45 3.25 11.53
CA GLY B 222 16.49 2.51 10.74
C GLY B 222 17.15 1.68 9.65
N GLY B 223 16.30 1.07 8.83
CA GLY B 223 16.76 0.30 7.70
C GLY B 223 15.59 -0.13 6.84
N VAL B 224 15.90 -0.46 5.60
CA VAL B 224 14.91 -0.94 4.64
C VAL B 224 15.36 -2.30 4.13
N VAL B 225 14.51 -3.30 4.27
CA VAL B 225 14.78 -4.66 3.82
C VAL B 225 13.68 -5.07 2.86
N GLY B 226 14.07 -5.59 1.70
CA GLY B 226 13.13 -6.04 0.68
C GLY B 226 13.08 -7.55 0.61
N ILE B 227 11.87 -8.09 0.68
CA ILE B 227 11.62 -9.53 0.57
C ILE B 227 10.76 -9.75 -0.66
N THR B 228 11.23 -10.60 -1.57
CA THR B 228 10.52 -10.89 -2.80
C THR B 228 10.17 -12.37 -2.86
N ILE B 229 8.90 -12.65 -3.16
CA ILE B 229 8.42 -14.00 -3.35
C ILE B 229 8.15 -14.19 -4.85
N ASP B 230 8.85 -15.14 -5.46
CA ASP B 230 8.76 -15.37 -6.90
C ASP B 230 8.15 -16.73 -7.15
N TRP B 231 7.06 -16.75 -7.92
CA TRP B 231 6.40 -17.98 -8.31
C TRP B 231 6.74 -18.29 -9.77
N HIS B 232 7.12 -19.54 -10.03
CA HIS B 232 7.60 -19.96 -11.34
C HIS B 232 6.85 -21.21 -11.79
N CYS B 233 5.53 -21.16 -11.70
CA CYS B 233 4.69 -22.29 -12.10
C CYS B 233 4.93 -22.65 -13.56
N ASP B 234 5.04 -23.95 -13.82
CA ASP B 234 5.23 -24.47 -15.17
C ASP B 234 4.02 -25.16 -15.74
N LEU B 235 3.24 -25.85 -14.89
CA LEU B 235 2.01 -26.53 -15.28
C LEU B 235 2.21 -27.54 -16.42
N ASP B 236 3.46 -27.91 -16.69
CA ASP B 236 3.77 -29.07 -17.53
C ASP B 236 3.90 -30.34 -16.70
N TRP B 237 3.64 -30.24 -15.40
CA TRP B 237 3.78 -31.32 -14.44
C TRP B 237 2.53 -31.34 -13.57
N HIS B 238 2.58 -32.06 -12.46
CA HIS B 238 1.47 -32.02 -11.51
C HIS B 238 1.28 -30.60 -10.97
N VAL B 239 0.13 -30.37 -10.34
CA VAL B 239 -0.18 -29.05 -9.80
C VAL B 239 0.80 -28.67 -8.69
N ARG B 240 1.50 -29.64 -8.12
CA ARG B 240 2.56 -29.37 -7.16
C ARG B 240 3.83 -28.96 -7.89
N HIS B 241 4.96 -28.98 -7.19
CA HIS B 241 6.28 -28.64 -7.75
C HIS B 241 6.37 -27.16 -8.09
N CYS B 242 5.30 -26.41 -7.85
CA CYS B 242 5.33 -24.96 -7.95
C CYS B 242 5.42 -24.41 -6.53
N ARG B 243 6.57 -23.82 -6.20
CA ARG B 243 6.82 -23.36 -4.84
C ARG B 243 7.44 -21.97 -4.93
N PRO B 244 7.33 -21.18 -3.87
CA PRO B 244 7.89 -19.83 -3.91
C PRO B 244 9.37 -19.78 -3.57
N ILE B 245 10.05 -18.75 -4.04
CA ILE B 245 11.47 -18.54 -3.77
C ILE B 245 11.62 -17.16 -3.15
N TYR B 246 12.14 -17.10 -1.93
CA TYR B 246 12.28 -15.86 -1.19
C TYR B 246 13.68 -15.31 -1.39
N GLU B 247 13.76 -14.01 -1.65
CA GLU B 247 15.04 -13.33 -1.81
C GLU B 247 15.03 -12.06 -0.98
N PHE B 248 15.86 -12.02 0.05
CA PHE B 248 16.03 -10.83 0.88
C PHE B 248 17.04 -9.91 0.21
N HIS B 249 16.58 -8.75 -0.23
CA HIS B 249 17.29 -8.00 -1.27
C HIS B 249 18.36 -7.07 -0.74
N GLY B 250 18.17 -6.44 0.41
CA GLY B 250 19.15 -5.44 0.78
C GLY B 250 18.76 -4.04 0.37
N LEU B 251 19.14 -3.54 -0.78
CA LEU B 251 18.87 -2.15 -1.20
C LEU B 251 19.96 -1.26 -0.71
N TYR B 252 20.89 -1.81 0.07
CA TYR B 252 21.91 -1.01 0.73
C TYR B 252 23.21 -0.98 -0.06
N GLU B 253 23.68 -2.14 -0.53
CA GLU B 253 24.87 -2.24 -1.37
C GLU B 253 26.06 -1.54 -0.73
N GLU B 254 26.42 -0.37 -1.27
CA GLU B 254 27.44 0.48 -0.66
C GLU B 254 26.83 1.79 -0.17
N LYS B 255 26.20 2.56 -1.07
CA LYS B 255 25.51 3.80 -0.74
C LYS B 255 26.38 4.75 0.07
N ASN B 256 25.74 5.69 0.78
CA ASN B 256 26.46 6.56 1.71
C ASN B 256 26.40 5.94 3.11
N LEU B 257 27.11 4.83 3.24
CA LEU B 257 27.11 4.00 4.45
C LEU B 257 25.66 3.57 4.70
N SER B 258 25.13 3.72 5.91
CA SER B 258 23.74 3.37 6.21
C SER B 258 22.98 4.64 6.59
N PRO B 259 22.20 5.22 5.67
CA PRO B 259 21.46 6.45 6.02
C PRO B 259 20.47 6.25 7.15
N GLY B 260 19.87 5.07 7.27
CA GLY B 260 18.86 4.84 8.27
C GLY B 260 17.46 5.15 7.79
N PHE B 261 16.50 4.98 8.70
CA PHE B 261 15.10 5.22 8.38
C PHE B 261 14.35 5.49 9.67
N ASN B 262 13.90 6.73 9.86
CA ASN B 262 13.18 7.13 11.06
C ASN B 262 11.94 7.91 10.69
N PHE B 263 10.92 7.81 11.53
CA PHE B 263 9.71 8.59 11.37
C PHE B 263 9.21 9.01 12.75
N ARG B 264 8.42 10.08 12.77
CA ARG B 264 7.91 10.66 14.00
C ARG B 264 6.40 10.48 14.07
N PHE B 265 5.93 9.90 15.18
CA PHE B 265 4.51 9.71 15.40
C PHE B 265 4.18 10.14 16.82
N ALA B 266 2.92 10.50 17.04
CA ALA B 266 2.50 11.10 18.30
C ALA B 266 1.31 10.34 18.89
N ARG B 267 1.23 10.36 20.21
CA ARG B 267 0.10 9.81 20.95
C ARG B 267 -0.58 10.96 21.69
N HIS B 268 -1.65 11.50 21.10
CA HIS B 268 -2.35 12.63 21.70
C HIS B 268 -3.29 12.13 22.80
N PHE B 269 -3.11 12.64 24.01
CA PHE B 269 -3.99 12.33 25.13
C PHE B 269 -4.48 13.63 25.73
N VAL B 270 -5.41 13.50 26.68
CA VAL B 270 -6.09 14.65 27.26
C VAL B 270 -5.96 14.58 28.78
N GLU B 271 -6.01 15.74 29.41
CA GLU B 271 -5.80 15.88 30.84
C GLU B 271 -6.86 16.85 31.35
N ASN B 272 -6.65 17.42 32.53
CA ASN B 272 -7.69 18.20 33.20
C ASN B 272 -7.91 19.50 32.42
N GLY B 273 -8.62 19.36 31.30
CA GLY B 273 -9.07 20.48 30.50
C GLY B 273 -8.24 20.76 29.26
N THR B 274 -7.02 20.26 29.18
CA THR B 274 -6.11 20.59 28.10
C THR B 274 -5.71 19.34 27.32
N ASN B 275 -5.19 19.57 26.12
CA ASN B 275 -4.75 18.50 25.25
C ASN B 275 -3.23 18.41 25.27
N TYR B 276 -2.71 17.21 25.50
CA TYR B 276 -1.28 16.94 25.55
C TYR B 276 -0.89 16.03 24.39
N ARG B 277 0.39 15.61 24.38
CA ARG B 277 0.90 14.79 23.31
C ARG B 277 2.15 14.06 23.76
N HIS B 278 2.28 12.80 23.35
CA HIS B 278 3.49 12.01 23.57
C HIS B 278 4.19 11.88 22.22
N LEU B 279 5.31 12.59 22.07
CA LEU B 279 6.05 12.59 20.81
C LEU B 279 7.07 11.47 20.81
N PHE B 280 7.02 10.63 19.79
CA PHE B 280 7.95 9.53 19.61
C PHE B 280 8.74 9.73 18.32
N LYS B 281 10.06 9.65 18.40
CA LYS B 281 10.91 9.53 17.22
C LYS B 281 11.31 8.08 17.10
N VAL B 282 10.83 7.41 16.06
CA VAL B 282 10.90 5.96 15.95
C VAL B 282 11.94 5.60 14.91
N PHE B 283 12.93 4.81 15.31
CA PHE B 283 13.89 4.20 14.41
C PHE B 283 13.51 2.72 14.26
N GLY B 284 13.13 2.32 13.05
CA GLY B 284 12.68 0.96 12.84
C GLY B 284 13.06 0.45 11.47
N ILE B 285 13.09 -0.87 11.34
CA ILE B 285 13.39 -1.53 10.08
C ILE B 285 12.11 -1.70 9.29
N ARG B 286 12.11 -1.25 8.04
CA ARG B 286 10.95 -1.35 7.16
C ARG B 286 11.14 -2.53 6.23
N PHE B 287 10.20 -3.47 6.25
CA PHE B 287 10.23 -4.63 5.39
C PHE B 287 9.24 -4.44 4.24
N ASP B 288 9.72 -4.58 3.02
CA ASP B 288 8.90 -4.45 1.82
C ASP B 288 8.76 -5.82 1.17
N ILE B 289 7.52 -6.19 0.85
CA ILE B 289 7.22 -7.50 0.29
C ILE B 289 6.62 -7.29 -1.10
N LEU B 290 7.27 -7.88 -2.11
CA LEU B 290 6.83 -7.80 -3.49
C LEU B 290 6.72 -9.22 -4.05
N VAL B 291 5.55 -9.58 -4.56
CA VAL B 291 5.28 -10.92 -5.08
C VAL B 291 5.21 -10.85 -6.59
N ASP B 292 5.88 -11.79 -7.26
CA ASP B 292 5.88 -11.87 -8.71
C ASP B 292 5.67 -13.31 -9.14
N GLY B 293 5.09 -13.49 -10.32
CA GLY B 293 4.81 -14.81 -10.84
C GLY B 293 4.91 -14.84 -12.35
N LYS B 294 5.20 -16.02 -12.89
CA LYS B 294 5.36 -16.21 -14.32
C LYS B 294 4.27 -17.10 -14.91
N ALA B 295 4.10 -18.31 -14.38
CA ALA B 295 3.06 -19.24 -14.80
C ALA B 295 3.18 -19.63 -16.27
N GLY B 296 2.25 -20.44 -16.76
CA GLY B 296 2.23 -20.83 -18.15
C GLY B 296 1.66 -22.21 -18.38
N LYS B 297 0.75 -22.35 -19.35
CA LYS B 297 0.12 -23.63 -19.61
C LYS B 297 0.08 -23.86 -21.12
N PHE B 298 0.06 -25.14 -21.50
CA PHE B 298 0.06 -25.52 -22.90
C PHE B 298 -1.25 -25.11 -23.58
N ASP B 299 -1.14 -24.58 -24.79
CA ASP B 299 -2.31 -24.19 -25.57
C ASP B 299 -1.97 -24.35 -27.05
N ILE B 300 -3.03 -24.50 -27.86
CA ILE B 300 -2.84 -24.76 -29.28
C ILE B 300 -2.32 -23.51 -30.00
N ILE B 301 -2.82 -22.34 -29.63
CA ILE B 301 -2.46 -21.11 -30.35
C ILE B 301 -0.97 -20.79 -30.24
N PRO B 302 -0.35 -20.80 -29.05
CA PRO B 302 1.11 -20.54 -29.01
C PRO B 302 1.91 -21.57 -29.77
N THR B 303 1.48 -22.85 -29.76
CA THR B 303 2.19 -23.87 -30.51
C THR B 303 2.10 -23.61 -32.01
N MET B 304 0.93 -23.19 -32.48
CA MET B 304 0.78 -22.85 -33.89
C MET B 304 1.64 -21.65 -34.26
N THR B 305 1.68 -20.63 -33.39
CA THR B 305 2.50 -19.46 -33.66
C THR B 305 3.98 -19.82 -33.73
N THR B 306 4.43 -20.69 -32.83
CA THR B 306 5.83 -21.10 -32.84
C THR B 306 6.15 -21.95 -34.06
N ILE B 307 5.27 -22.89 -34.41
CA ILE B 307 5.52 -23.74 -35.58
C ILE B 307 5.46 -22.94 -36.87
N GLY B 308 4.77 -21.80 -36.87
CA GLY B 308 4.78 -20.93 -38.02
C GLY B 308 6.04 -20.07 -38.06
N SER B 309 6.33 -19.37 -36.96
CA SER B 309 7.49 -18.50 -36.92
C SER B 309 8.79 -19.28 -37.05
N GLY B 310 8.84 -20.48 -36.45
CA GLY B 310 10.05 -21.29 -36.56
C GLY B 310 10.38 -21.65 -38.00
N ILE B 311 9.37 -22.12 -38.74
CA ILE B 311 9.53 -22.28 -40.18
C ILE B 311 9.65 -20.91 -40.84
N GLY B 312 8.94 -19.91 -40.33
CA GLY B 312 9.00 -18.58 -40.93
C GLY B 312 10.36 -17.94 -40.83
N ILE B 313 11.07 -18.21 -39.73
CA ILE B 313 12.39 -17.62 -39.55
C ILE B 313 13.41 -18.16 -40.56
N PHE B 314 13.09 -19.26 -41.23
CA PHE B 314 13.98 -19.83 -42.23
C PHE B 314 14.02 -18.95 -43.48
N VAL C 1 1.67 -29.38 -61.17
CA VAL C 1 2.00 -29.86 -59.84
C VAL C 1 2.58 -28.73 -59.00
N GLY C 2 3.59 -28.06 -59.53
CA GLY C 2 4.20 -26.94 -58.81
C GLY C 2 3.26 -25.77 -58.64
N VAL C 3 2.49 -25.44 -59.68
CA VAL C 3 1.55 -24.33 -59.60
C VAL C 3 0.45 -24.64 -58.59
N ILE C 4 -0.07 -25.88 -58.62
CA ILE C 4 -1.12 -26.26 -57.67
C ILE C 4 -0.59 -26.23 -56.25
N PHE C 5 0.63 -26.74 -56.04
CA PHE C 5 1.22 -26.71 -54.71
C PHE C 5 1.41 -25.27 -54.22
N ARG C 6 1.89 -24.39 -55.11
CA ARG C 6 2.07 -22.99 -54.72
C ARG C 6 0.73 -22.34 -54.38
N LEU C 7 -0.31 -22.63 -55.16
CA LEU C 7 -1.63 -22.08 -54.87
C LEU C 7 -2.16 -22.58 -53.53
N ILE C 8 -1.97 -23.86 -53.24
CA ILE C 8 -2.44 -24.42 -51.97
C ILE C 8 -1.67 -23.79 -50.81
N GLN C 9 -0.35 -23.62 -50.97
CA GLN C 9 0.45 -23.00 -49.92
C GLN C 9 0.02 -21.55 -49.70
N LEU C 10 -0.26 -20.82 -50.78
CA LEU C 10 -0.73 -19.44 -50.63
C LEU C 10 -2.08 -19.40 -49.92
N VAL C 11 -2.98 -20.33 -50.27
CA VAL C 11 -4.30 -20.35 -49.65
C VAL C 11 -4.20 -20.62 -48.16
N VAL C 12 -3.42 -21.63 -47.78
CA VAL C 12 -3.28 -21.95 -46.36
C VAL C 12 -2.55 -20.82 -45.63
N LEU C 13 -1.59 -20.17 -46.30
CA LEU C 13 -0.90 -19.01 -45.72
C LEU C 13 -1.90 -17.92 -45.39
N VAL C 14 -2.75 -17.55 -46.35
CA VAL C 14 -3.73 -16.49 -46.14
C VAL C 14 -4.70 -16.89 -45.03
N TYR C 15 -5.16 -18.14 -45.04
CA TYR C 15 -6.12 -18.59 -44.04
C TYR C 15 -5.54 -18.51 -42.64
N VAL C 16 -4.33 -19.04 -42.44
CA VAL C 16 -3.74 -19.05 -41.10
C VAL C 16 -3.39 -17.63 -40.66
N ILE C 17 -2.93 -16.78 -41.58
CA ILE C 17 -2.60 -15.41 -41.22
C ILE C 17 -3.85 -14.66 -40.80
N GLY C 18 -4.96 -14.84 -41.53
CA GLY C 18 -6.20 -14.20 -41.16
C GLY C 18 -6.73 -14.69 -39.82
N TRP C 19 -6.65 -16.01 -39.59
CA TRP C 19 -7.10 -16.56 -38.31
C TRP C 19 -6.27 -16.01 -37.16
N VAL C 20 -4.94 -15.95 -37.34
CA VAL C 20 -4.08 -15.41 -36.29
C VAL C 20 -4.40 -13.94 -36.03
N PHE C 21 -4.58 -13.15 -37.10
CA PHE C 21 -4.89 -11.74 -36.94
C PHE C 21 -6.21 -11.56 -36.21
N LEU C 22 -7.22 -12.36 -36.55
CA LEU C 22 -8.49 -12.30 -35.84
C LEU C 22 -8.39 -12.83 -34.42
N TYR C 23 -7.34 -13.60 -34.10
CA TYR C 23 -7.16 -14.16 -32.77
C TYR C 23 -6.08 -13.44 -31.95
N GLU C 24 -4.91 -13.18 -32.55
CA GLU C 24 -3.82 -12.62 -31.78
C GLU C 24 -4.03 -11.15 -31.46
N LYS C 25 -4.72 -10.41 -32.33
CA LYS C 25 -4.92 -8.97 -32.18
C LYS C 25 -3.58 -8.25 -31.99
N GLY C 26 -2.58 -8.68 -32.74
CA GLY C 26 -1.23 -8.17 -32.60
C GLY C 26 -0.97 -6.82 -33.24
N TYR C 27 -1.85 -6.37 -34.12
CA TYR C 27 -1.70 -5.07 -34.77
C TYR C 27 -2.04 -3.91 -33.85
N GLN C 28 -2.23 -4.18 -32.56
CA GLN C 28 -2.59 -3.17 -31.59
C GLN C 28 -1.45 -3.05 -30.58
N THR C 29 -0.97 -1.82 -30.38
CA THR C 29 0.18 -1.59 -29.51
C THR C 29 -0.31 -1.38 -28.08
N SER C 30 -0.39 -2.48 -27.34
CA SER C 30 -0.89 -2.44 -25.96
C SER C 30 0.07 -1.67 -25.06
N SER C 31 -0.48 -1.08 -24.00
CA SER C 31 0.29 -0.25 -23.09
C SER C 31 -0.30 -0.36 -21.70
N GLY C 32 0.50 0.06 -20.71
CA GLY C 32 0.08 0.03 -19.32
C GLY C 32 -0.81 1.20 -18.97
N LEU C 33 -1.12 1.30 -17.68
CA LEU C 33 -2.03 2.33 -17.19
C LEU C 33 -1.60 2.78 -15.81
N ILE C 34 -2.06 3.97 -15.44
CA ILE C 34 -1.84 4.54 -14.11
C ILE C 34 -3.18 4.51 -13.37
N SER C 35 -3.20 3.84 -12.22
CA SER C 35 -4.44 3.60 -11.49
C SER C 35 -4.53 4.47 -10.24
N SER C 36 -5.77 4.79 -9.86
CA SER C 36 -6.03 5.54 -8.64
C SER C 36 -7.45 5.23 -8.21
N VAL C 37 -7.59 4.49 -7.11
CA VAL C 37 -8.89 4.05 -6.60
C VAL C 37 -9.06 4.56 -5.18
N SER C 38 -10.20 5.19 -4.92
CA SER C 38 -10.55 5.69 -3.60
C SER C 38 -11.89 5.08 -3.18
N VAL C 39 -11.95 4.59 -1.94
CA VAL C 39 -13.11 3.86 -1.44
C VAL C 39 -13.80 4.69 -0.37
N LYS C 40 -15.12 4.81 -0.47
CA LYS C 40 -15.94 5.48 0.52
C LYS C 40 -16.90 4.48 1.12
N LEU C 41 -16.93 4.41 2.45
CA LEU C 41 -17.81 3.50 3.17
C LEU C 41 -18.91 4.28 3.88
N LYS C 42 -20.14 3.77 3.77
CA LYS C 42 -21.31 4.41 4.34
C LYS C 42 -22.09 3.35 5.13
N GLY C 43 -22.09 3.50 6.46
CA GLY C 43 -22.80 2.56 7.29
C GLY C 43 -22.52 2.72 8.78
N LEU C 44 -23.55 2.58 9.59
CA LEU C 44 -23.43 2.66 11.04
C LEU C 44 -23.81 1.32 11.64
N ALA C 45 -22.97 0.80 12.53
CA ALA C 45 -23.19 -0.47 13.21
C ALA C 45 -23.34 -0.21 14.69
N VAL C 46 -24.46 -0.65 15.26
CA VAL C 46 -24.74 -0.47 16.68
C VAL C 46 -24.56 -1.81 17.38
N THR C 47 -23.84 -1.80 18.50
CA THR C 47 -23.52 -3.00 19.25
C THR C 47 -24.29 -3.02 20.56
N GLN C 48 -24.78 -4.20 20.94
CA GLN C 48 -25.48 -4.39 22.20
C GLN C 48 -24.71 -5.39 23.05
N LEU C 49 -24.40 -4.99 24.28
CA LEU C 49 -23.64 -5.78 25.22
C LEU C 49 -24.36 -5.78 26.56
N PRO C 50 -24.09 -6.77 27.43
CA PRO C 50 -24.72 -6.77 28.76
C PRO C 50 -24.47 -5.48 29.51
N GLY C 51 -25.54 -4.73 29.74
CA GLY C 51 -25.45 -3.42 30.37
C GLY C 51 -26.59 -2.54 29.92
N LEU C 52 -26.68 -1.38 30.56
CA LEU C 52 -27.74 -0.43 30.27
C LEU C 52 -27.46 0.44 29.05
N GLY C 53 -26.25 0.40 28.50
CA GLY C 53 -25.89 1.25 27.39
C GLY C 53 -25.36 0.50 26.20
N PRO C 54 -25.93 0.79 25.02
CA PRO C 54 -25.40 0.21 23.78
C PRO C 54 -24.16 0.94 23.30
N GLN C 55 -23.67 0.59 22.11
CA GLN C 55 -22.48 1.22 21.56
C GLN C 55 -22.61 1.30 20.05
N VAL C 56 -22.24 2.44 19.48
CA VAL C 56 -22.30 2.66 18.04
C VAL C 56 -20.88 2.75 17.50
N TRP C 57 -20.75 2.49 16.19
CA TRP C 57 -19.45 2.49 15.52
C TRP C 57 -19.56 3.29 14.24
N ASP C 58 -18.90 4.44 14.20
CA ASP C 58 -18.88 5.29 13.02
C ASP C 58 -17.88 4.76 11.99
N VAL C 59 -17.92 5.34 10.79
CA VAL C 59 -16.98 4.97 9.74
C VAL C 59 -15.55 5.24 10.17
N ALA C 60 -15.34 6.25 11.02
CA ALA C 60 -14.02 6.55 11.54
C ALA C 60 -13.55 5.56 12.60
N ASP C 61 -14.31 4.49 12.86
CA ASP C 61 -13.97 3.51 13.88
C ASP C 61 -13.68 2.13 13.32
N TYR C 62 -14.49 1.62 12.40
CA TYR C 62 -14.30 0.27 11.88
C TYR C 62 -13.48 0.24 10.59
N VAL C 63 -13.11 1.39 10.05
CA VAL C 63 -12.21 1.46 8.90
C VAL C 63 -10.84 1.85 9.45
N PHE C 64 -9.97 0.86 9.60
CA PHE C 64 -8.73 1.03 10.35
C PHE C 64 -7.65 1.81 9.60
N PRO C 65 -7.47 1.62 8.29
CA PRO C 65 -6.55 2.50 7.56
C PRO C 65 -6.97 3.97 7.61
N ALA C 66 -8.24 4.26 7.90
CA ALA C 66 -8.73 5.60 8.14
C ALA C 66 -8.63 6.48 6.90
N GLN C 67 -7.42 6.89 6.53
CA GLN C 67 -7.23 7.72 5.35
C GLN C 67 -7.53 6.99 4.05
N GLY C 68 -7.66 5.67 4.09
CA GLY C 68 -8.02 4.90 2.91
C GLY C 68 -6.82 4.40 2.13
N ASP C 69 -6.83 3.11 1.80
CA ASP C 69 -5.79 2.49 1.01
C ASP C 69 -6.42 1.46 0.08
N ASN C 70 -5.60 0.85 -0.77
CA ASN C 70 -6.09 -0.21 -1.62
C ASN C 70 -6.53 -1.41 -0.79
N SER C 71 -5.76 -1.75 0.24
CA SER C 71 -6.12 -2.81 1.18
C SER C 71 -6.57 -2.16 2.49
N PHE C 72 -7.77 -2.49 2.93
CA PHE C 72 -8.35 -1.91 4.12
C PHE C 72 -9.16 -2.94 4.87
N VAL C 73 -9.37 -2.69 6.17
CA VAL C 73 -10.08 -3.60 7.06
C VAL C 73 -11.38 -2.93 7.49
N VAL C 74 -12.46 -3.73 7.51
CA VAL C 74 -13.82 -3.24 7.71
C VAL C 74 -14.39 -3.94 8.94
N MET C 75 -13.59 -4.02 10.00
CA MET C 75 -13.79 -4.90 11.16
C MET C 75 -15.25 -5.18 11.52
N THR C 76 -15.57 -6.46 11.65
CA THR C 76 -16.93 -6.93 11.93
C THR C 76 -17.07 -7.58 13.29
N ASN C 77 -15.98 -7.71 14.06
CA ASN C 77 -16.03 -8.34 15.37
C ASN C 77 -14.77 -7.92 16.12
N PHE C 78 -14.88 -7.85 17.45
CA PHE C 78 -13.75 -7.42 18.26
C PHE C 78 -13.87 -7.99 19.67
N ILE C 79 -12.73 -8.04 20.34
CA ILE C 79 -12.62 -8.37 21.76
C ILE C 79 -11.76 -7.29 22.41
N VAL C 80 -12.27 -6.68 23.48
CA VAL C 80 -11.63 -5.52 24.09
C VAL C 80 -11.21 -5.87 25.52
N THR C 81 -9.97 -5.54 25.85
CA THR C 81 -9.45 -5.65 27.21
C THR C 81 -9.11 -4.24 27.70
N PRO C 82 -9.95 -3.61 28.50
CA PRO C 82 -9.78 -2.20 28.80
C PRO C 82 -8.89 -1.92 30.00
N LYS C 83 -8.32 -0.71 30.00
CA LYS C 83 -7.58 -0.14 31.12
C LYS C 83 -6.39 -1.03 31.51
N GLN C 84 -5.44 -1.11 30.59
CA GLN C 84 -4.20 -1.85 30.83
C GLN C 84 -3.17 -0.94 31.47
N THR C 85 -2.62 -1.38 32.60
CA THR C 85 -1.84 -0.52 33.48
C THR C 85 -0.33 -0.70 33.34
N GLN C 86 0.13 -1.81 32.80
CA GLN C 86 1.56 -2.12 32.68
C GLN C 86 2.23 -2.18 34.06
N GLY C 87 1.80 -3.15 34.85
CA GLY C 87 2.39 -3.40 36.15
C GLY C 87 2.62 -4.88 36.42
N TYR C 88 2.29 -5.33 37.63
CA TYR C 88 2.50 -6.72 38.03
C TYR C 88 1.17 -7.45 38.04
N CYS C 89 1.08 -8.53 37.26
CA CYS C 89 -0.16 -9.29 37.16
C CYS C 89 0.07 -10.79 37.22
N ALA C 90 -0.97 -11.56 36.95
CA ALA C 90 -0.89 -13.00 36.81
C ALA C 90 -0.94 -13.36 35.33
N GLU C 91 0.07 -14.11 34.87
CA GLU C 91 0.15 -14.44 33.46
C GLU C 91 -0.97 -15.40 33.07
N HIS C 92 -1.27 -15.45 31.77
CA HIS C 92 -2.33 -16.31 31.29
C HIS C 92 -1.94 -17.77 31.51
N PRO C 93 -2.89 -18.64 31.88
CA PRO C 93 -2.55 -20.06 32.10
C PRO C 93 -2.05 -20.75 30.84
N GLU C 94 -2.31 -20.19 29.65
CA GLU C 94 -1.77 -20.76 28.43
C GLU C 94 -0.25 -20.74 28.46
N GLY C 95 0.35 -19.66 28.97
CA GLY C 95 1.79 -19.62 29.09
C GLY C 95 2.34 -20.66 30.05
N GLY C 96 1.67 -20.86 31.17
CA GLY C 96 2.11 -21.86 32.13
C GLY C 96 1.39 -21.80 33.47
N ILE C 97 1.16 -22.97 34.06
CA ILE C 97 0.59 -23.09 35.40
C ILE C 97 1.70 -23.46 36.37
N CYS C 98 1.83 -22.70 37.45
CA CYS C 98 2.90 -22.96 38.39
C CYS C 98 2.41 -23.87 39.51
N LYS C 99 3.32 -24.22 40.41
CA LYS C 99 2.99 -24.92 41.63
C LYS C 99 3.98 -24.46 42.69
N GLU C 100 3.47 -24.21 43.90
CA GLU C 100 4.30 -23.67 44.98
C GLU C 100 4.95 -22.36 44.53
N ASP C 101 6.24 -22.42 44.18
CA ASP C 101 6.98 -21.26 43.65
C ASP C 101 7.92 -21.75 42.56
N SER C 102 7.46 -21.70 41.32
CA SER C 102 8.26 -22.07 40.16
C SER C 102 8.43 -20.87 39.22
N GLY C 103 8.72 -19.70 39.78
CA GLY C 103 8.91 -18.52 38.98
C GLY C 103 10.08 -18.62 38.03
N CYS C 104 11.10 -19.42 38.37
CA CYS C 104 12.26 -19.62 37.48
C CYS C 104 13.05 -18.34 37.24
N THR C 105 12.81 -17.30 38.04
CA THR C 105 13.51 -16.02 37.95
C THR C 105 13.08 -15.26 36.69
N PRO C 106 13.02 -13.92 36.74
CA PRO C 106 12.69 -13.13 35.53
C PRO C 106 13.57 -13.46 34.34
N GLY C 107 13.20 -12.96 33.17
CA GLY C 107 13.91 -13.32 31.95
C GLY C 107 13.02 -13.54 30.75
N LYS C 108 11.74 -13.23 30.87
CA LYS C 108 10.77 -13.29 29.77
C LYS C 108 10.52 -14.72 29.29
N ALA C 109 10.83 -15.71 30.13
CA ALA C 109 10.62 -17.13 29.80
C ALA C 109 11.34 -17.52 28.51
N LYS C 110 11.00 -18.68 27.97
CA LYS C 110 11.59 -19.19 26.74
C LYS C 110 10.64 -19.19 25.56
N ARG C 111 9.36 -19.50 25.79
CA ARG C 111 8.40 -19.63 24.70
C ARG C 111 7.16 -18.80 24.97
N LYS C 112 6.87 -18.52 26.24
CA LYS C 112 5.70 -17.75 26.63
C LYS C 112 6.15 -16.32 26.92
N ALA C 113 6.04 -15.46 25.92
CA ALA C 113 6.48 -14.07 26.04
C ALA C 113 5.32 -13.24 26.59
N GLN C 114 5.27 -13.15 27.92
CA GLN C 114 4.31 -12.28 28.62
C GLN C 114 5.09 -11.54 29.70
N GLY C 115 5.66 -10.40 29.31
CA GLY C 115 6.43 -9.58 30.23
C GLY C 115 7.62 -10.33 30.79
N ILE C 116 8.03 -9.93 31.99
CA ILE C 116 9.10 -10.60 32.73
C ILE C 116 8.52 -11.10 34.05
N ARG C 117 8.89 -12.32 34.41
CA ARG C 117 8.40 -12.91 35.65
C ARG C 117 9.05 -12.20 36.85
N THR C 118 8.75 -12.70 38.05
CA THR C 118 9.30 -12.12 39.27
C THR C 118 9.74 -13.15 40.30
N GLY C 119 9.59 -14.44 40.03
CA GLY C 119 9.90 -15.46 41.01
C GLY C 119 8.78 -15.76 41.98
N LYS C 120 7.68 -15.01 41.92
CA LYS C 120 6.50 -15.24 42.74
C LYS C 120 5.35 -15.69 41.86
N CYS C 121 4.40 -16.41 42.45
CA CYS C 121 3.30 -16.98 41.69
C CYS C 121 1.99 -16.71 42.42
N VAL C 122 1.03 -16.14 41.70
CA VAL C 122 -0.31 -15.87 42.21
C VAL C 122 -1.22 -15.67 40.99
N ALA C 123 -2.47 -16.13 41.08
CA ALA C 123 -3.34 -16.19 39.91
C ALA C 123 -4.73 -15.71 40.28
N PHE C 124 -5.67 -15.93 39.35
CA PHE C 124 -7.03 -15.42 39.44
C PHE C 124 -8.10 -16.52 39.43
N ASN C 125 -7.96 -17.53 38.59
CA ASN C 125 -9.02 -18.52 38.37
C ASN C 125 -8.83 -19.69 39.34
N ASP C 126 -9.58 -20.77 39.11
CA ASP C 126 -9.43 -21.98 39.92
C ASP C 126 -8.02 -22.56 39.77
N THR C 127 -7.36 -22.27 38.66
CA THR C 127 -5.91 -22.41 38.56
C THR C 127 -5.29 -21.23 39.30
N VAL C 128 -5.17 -21.38 40.61
CA VAL C 128 -4.87 -20.28 41.51
C VAL C 128 -3.37 -20.00 41.53
N LYS C 129 -2.63 -20.63 40.61
CA LYS C 129 -1.17 -20.52 40.59
C LYS C 129 -0.70 -20.47 39.15
N THR C 130 -0.20 -19.31 38.69
CA THR C 130 0.21 -19.17 37.30
C THR C 130 1.43 -18.26 37.09
N CYS C 131 2.24 -18.03 38.13
CA CYS C 131 3.40 -17.13 38.08
C CYS C 131 2.99 -15.67 37.97
N GLU C 132 3.83 -14.77 38.48
CA GLU C 132 3.58 -13.34 38.49
C GLU C 132 4.54 -12.66 37.51
N ILE C 133 3.99 -12.09 36.44
CA ILE C 133 4.79 -11.43 35.43
C ILE C 133 4.56 -9.92 35.51
N PHE C 134 5.46 -9.17 34.89
CA PHE C 134 5.35 -7.72 34.81
C PHE C 134 4.95 -7.33 33.39
N GLY C 135 3.77 -6.74 33.25
CA GLY C 135 3.30 -6.34 31.94
C GLY C 135 1.97 -5.63 32.08
N TRP C 136 1.31 -5.44 30.94
CA TRP C 136 -0.01 -4.81 30.92
C TRP C 136 -0.95 -5.60 31.82
N CYS C 137 -1.43 -4.96 32.89
CA CYS C 137 -1.94 -5.76 34.00
C CYS C 137 -3.36 -5.47 34.49
N PRO C 138 -4.36 -5.27 33.62
CA PRO C 138 -5.73 -5.39 34.12
C PRO C 138 -6.06 -6.86 34.34
N VAL C 139 -5.85 -7.63 33.28
CA VAL C 139 -5.94 -9.09 33.27
C VAL C 139 -5.34 -9.51 31.93
N GLU C 140 -4.80 -10.72 31.85
CA GLU C 140 -4.33 -11.21 30.56
C GLU C 140 -5.52 -11.39 29.62
N VAL C 141 -5.24 -11.27 28.32
CA VAL C 141 -6.30 -11.26 27.31
C VAL C 141 -6.95 -12.63 27.28
N ASP C 142 -8.18 -12.72 27.77
CA ASP C 142 -8.99 -13.94 27.73
C ASP C 142 -9.92 -13.81 26.53
N ASP C 143 -9.43 -14.21 25.36
CA ASP C 143 -10.10 -13.97 24.09
C ASP C 143 -10.88 -15.21 23.66
N ASP C 144 -12.20 -15.05 23.55
CA ASP C 144 -13.07 -16.04 22.92
C ASP C 144 -13.97 -15.31 21.93
N ILE C 145 -14.04 -15.82 20.71
CA ILE C 145 -14.78 -15.15 19.64
C ILE C 145 -16.27 -15.22 19.92
N PRO C 146 -16.96 -14.08 19.99
CA PRO C 146 -18.42 -14.13 20.14
C PRO C 146 -19.07 -14.75 18.91
N ARG C 147 -19.88 -15.77 19.14
CA ARG C 147 -20.49 -16.49 18.02
C ARG C 147 -21.38 -15.59 17.17
N PRO C 148 -22.25 -14.74 17.72
CA PRO C 148 -22.88 -13.71 16.88
C PRO C 148 -21.95 -12.51 16.76
N ALA C 149 -21.61 -12.16 15.52
CA ALA C 149 -20.67 -11.06 15.30
C ALA C 149 -21.22 -9.76 15.88
N LEU C 150 -20.36 -9.03 16.58
CA LEU C 150 -20.79 -7.77 17.20
C LEU C 150 -21.17 -6.73 16.16
N LEU C 151 -20.43 -6.68 15.06
CA LEU C 151 -20.70 -5.78 13.94
C LEU C 151 -21.24 -6.54 12.73
N ARG C 152 -22.10 -7.52 12.99
CA ARG C 152 -22.68 -8.31 11.91
C ARG C 152 -23.55 -7.47 10.98
N GLU C 153 -23.94 -6.27 11.40
CA GLU C 153 -24.67 -5.35 10.55
C GLU C 153 -23.82 -4.74 9.45
N ALA C 154 -22.56 -5.17 9.32
CA ALA C 154 -21.69 -4.69 8.26
C ALA C 154 -21.98 -5.32 6.91
N GLU C 155 -22.86 -6.32 6.86
CA GLU C 155 -23.23 -6.93 5.58
C GLU C 155 -24.05 -6.00 4.71
N ASN C 156 -24.61 -4.93 5.26
CA ASN C 156 -25.36 -3.95 4.50
C ASN C 156 -24.56 -2.69 4.21
N PHE C 157 -23.29 -2.65 4.58
CA PHE C 157 -22.48 -1.46 4.38
C PHE C 157 -22.20 -1.25 2.90
N THR C 158 -22.02 0.01 2.53
CA THR C 158 -21.78 0.41 1.15
C THR C 158 -20.27 0.65 0.95
N LEU C 159 -19.77 0.25 -0.23
CA LEU C 159 -18.35 0.26 -0.55
C LEU C 159 -18.08 1.06 -1.82
N PHE C 160 -18.60 2.29 -1.87
CA PHE C 160 -18.42 3.15 -3.04
C PHE C 160 -16.97 3.21 -3.47
N ILE C 161 -16.70 2.71 -4.68
CA ILE C 161 -15.35 2.62 -5.23
C ILE C 161 -15.26 3.58 -6.41
N LYS C 162 -14.31 4.49 -6.36
CA LYS C 162 -14.09 5.49 -7.40
C LYS C 162 -12.69 5.28 -7.97
N ASN C 163 -12.62 4.66 -9.14
CA ASN C 163 -11.36 4.31 -9.78
C ASN C 163 -11.10 5.26 -10.95
N SER C 164 -9.95 5.90 -10.93
CA SER C 164 -9.52 6.80 -12.01
C SER C 164 -8.26 6.22 -12.65
N ILE C 165 -8.30 6.06 -13.98
CA ILE C 165 -7.21 5.46 -14.71
C ILE C 165 -6.81 6.38 -15.86
N SER C 166 -5.59 6.17 -16.35
CA SER C 166 -5.04 6.94 -17.46
C SER C 166 -4.11 6.05 -18.26
N PHE C 167 -4.01 6.34 -19.56
CA PHE C 167 -3.08 5.67 -20.47
C PHE C 167 -2.09 6.72 -20.96
N PRO C 168 -0.94 6.85 -20.32
CA PRO C 168 0.01 7.90 -20.72
C PRO C 168 0.55 7.74 -22.13
N ARG C 169 0.57 6.52 -22.67
CA ARG C 169 1.09 6.30 -24.01
C ARG C 169 0.23 7.00 -25.06
N PHE C 170 -1.09 6.95 -24.90
CA PHE C 170 -2.01 7.56 -25.84
C PHE C 170 -2.72 8.78 -25.27
N LYS C 171 -2.33 9.23 -24.08
CA LYS C 171 -2.86 10.46 -23.46
C LYS C 171 -4.38 10.42 -23.35
N VAL C 172 -4.90 9.30 -22.86
CA VAL C 172 -6.33 9.13 -22.63
C VAL C 172 -6.55 8.64 -21.20
N ASN C 173 -7.62 9.14 -20.57
CA ASN C 173 -7.93 8.79 -19.19
C ASN C 173 -9.43 8.60 -19.04
N ARG C 174 -9.82 7.66 -18.19
CA ARG C 174 -11.22 7.35 -17.94
C ARG C 174 -11.43 7.16 -16.45
N ARG C 175 -12.70 7.09 -16.06
CA ARG C 175 -13.08 6.98 -14.66
C ARG C 175 -14.00 5.78 -14.47
N ASN C 176 -14.06 5.29 -13.23
CA ASN C 176 -14.97 4.21 -12.89
C ASN C 176 -16.42 4.62 -13.12
N LEU C 177 -16.77 5.85 -12.72
CA LEU C 177 -18.12 6.35 -12.93
C LEU C 177 -18.37 6.53 -14.41
N VAL C 178 -19.36 5.80 -14.94
CA VAL C 178 -19.63 5.75 -16.37
C VAL C 178 -20.18 7.08 -16.86
N GLU C 179 -20.29 7.21 -18.19
CA GLU C 179 -20.79 8.43 -18.82
C GLU C 179 -22.22 8.72 -18.35
N GLU C 180 -22.72 9.89 -18.77
CA GLU C 180 -23.96 10.46 -18.24
C GLU C 180 -23.81 10.77 -16.76
N VAL C 181 -22.87 11.67 -16.47
CA VAL C 181 -22.51 11.99 -15.09
C VAL C 181 -23.67 12.66 -14.37
N ASN C 182 -23.81 12.36 -13.09
CA ASN C 182 -24.86 12.92 -12.22
C ASN C 182 -26.25 12.60 -12.75
N ALA C 183 -26.96 13.62 -13.21
CA ALA C 183 -28.32 13.48 -13.78
C ALA C 183 -29.21 12.85 -12.72
N ALA C 184 -30.17 12.01 -13.11
CA ALA C 184 -31.15 11.44 -12.19
C ALA C 184 -30.58 10.20 -11.50
N HIS C 185 -31.46 9.44 -10.84
CA HIS C 185 -31.11 8.22 -10.12
C HIS C 185 -29.95 8.44 -9.14
N MET C 186 -29.99 9.58 -8.46
CA MET C 186 -28.94 9.95 -7.51
C MET C 186 -28.87 8.96 -6.35
N LYS C 187 -27.77 8.21 -6.27
CA LYS C 187 -27.52 7.27 -5.18
C LYS C 187 -28.64 6.25 -5.03
N THR C 188 -29.12 5.73 -6.16
CA THR C 188 -30.19 4.73 -6.16
C THR C 188 -29.81 3.51 -7.00
N CYS C 189 -28.53 3.17 -7.04
CA CYS C 189 -28.07 1.98 -7.74
C CYS C 189 -27.51 1.00 -6.73
N LEU C 190 -27.22 -0.21 -7.21
CA LEU C 190 -26.53 -1.22 -6.42
C LEU C 190 -25.94 -2.24 -7.39
N PHE C 191 -24.65 -2.53 -7.22
CA PHE C 191 -23.95 -3.38 -8.19
C PHE C 191 -24.54 -4.77 -8.22
N HIS C 192 -24.71 -5.30 -9.43
CA HIS C 192 -25.10 -6.69 -9.66
C HIS C 192 -24.34 -7.19 -10.87
N LYS C 193 -23.89 -8.44 -10.81
CA LYS C 193 -23.04 -8.96 -11.88
C LYS C 193 -23.77 -8.99 -13.22
N THR C 194 -25.09 -9.08 -13.21
CA THR C 194 -25.88 -9.09 -14.43
C THR C 194 -26.88 -7.95 -14.51
N LEU C 195 -27.64 -7.70 -13.46
CA LEU C 195 -28.67 -6.67 -13.50
C LEU C 195 -28.08 -5.28 -13.66
N HIS C 196 -27.11 -4.93 -12.80
CA HIS C 196 -26.50 -3.60 -12.78
C HIS C 196 -24.99 -3.76 -12.84
N PRO C 197 -24.44 -4.06 -14.02
CA PRO C 197 -22.99 -4.26 -14.11
C PRO C 197 -22.19 -2.99 -14.11
N LEU C 198 -22.80 -1.83 -14.35
CA LEU C 198 -22.09 -0.56 -14.44
C LEU C 198 -22.58 0.36 -13.32
N CYS C 199 -21.99 0.21 -12.14
CA CYS C 199 -22.14 1.11 -11.01
C CYS C 199 -21.15 0.64 -9.94
N PRO C 200 -20.56 1.55 -9.16
CA PRO C 200 -19.53 1.13 -8.20
C PRO C 200 -20.06 0.08 -7.21
N VAL C 201 -19.21 -0.88 -6.89
CA VAL C 201 -19.63 -2.07 -6.15
C VAL C 201 -19.98 -1.69 -4.71
N PHE C 202 -21.15 -2.12 -4.26
CA PHE C 202 -21.62 -1.80 -2.93
C PHE C 202 -21.98 -3.08 -2.17
N GLN C 203 -22.63 -2.93 -1.01
CA GLN C 203 -23.26 -4.04 -0.30
C GLN C 203 -22.24 -5.14 0.04
N LEU C 204 -21.36 -4.79 0.98
CA LEU C 204 -20.31 -5.68 1.47
C LEU C 204 -20.76 -7.13 1.61
N GLY C 205 -21.99 -7.33 2.07
CA GLY C 205 -22.53 -8.68 2.13
C GLY C 205 -22.59 -9.34 0.77
N TYR C 206 -22.98 -8.57 -0.26
CA TYR C 206 -23.02 -9.09 -1.62
C TYR C 206 -21.61 -9.27 -2.19
N VAL C 207 -20.69 -8.36 -1.87
CA VAL C 207 -19.31 -8.49 -2.34
C VAL C 207 -18.69 -9.77 -1.80
N VAL C 208 -18.88 -10.03 -0.51
CA VAL C 208 -18.43 -11.29 0.07
C VAL C 208 -19.21 -12.46 -0.52
N GLN C 209 -20.50 -12.25 -0.78
CA GLN C 209 -21.32 -13.31 -1.34
C GLN C 209 -20.82 -13.75 -2.71
N GLU C 210 -20.41 -12.80 -3.56
CA GLU C 210 -19.90 -13.17 -4.87
C GLU C 210 -18.43 -13.56 -4.78
N SER C 211 -18.11 -14.40 -3.80
CA SER C 211 -16.83 -15.09 -3.74
C SER C 211 -16.96 -16.48 -3.15
N GLY C 212 -18.18 -16.93 -2.83
CA GLY C 212 -18.39 -18.20 -2.18
C GLY C 212 -17.77 -18.27 -0.81
N GLN C 213 -17.97 -17.25 0.01
CA GLN C 213 -17.28 -17.16 1.30
C GLN C 213 -18.21 -17.08 2.51
N ASN C 214 -19.52 -16.97 2.33
CA ASN C 214 -20.50 -17.11 3.41
C ASN C 214 -20.24 -16.10 4.53
N PHE C 215 -20.50 -14.82 4.20
CA PHE C 215 -20.25 -13.68 5.07
C PHE C 215 -20.57 -13.95 6.54
N SER C 216 -21.64 -14.70 6.82
CA SER C 216 -21.98 -15.01 8.21
C SER C 216 -20.80 -15.67 8.93
N THR C 217 -20.07 -16.53 8.23
CA THR C 217 -18.83 -17.07 8.77
C THR C 217 -17.70 -16.04 8.75
N LEU C 218 -17.69 -15.17 7.74
CA LEU C 218 -16.65 -14.15 7.65
C LEU C 218 -16.84 -13.02 8.64
N ALA C 219 -18.07 -12.76 9.08
CA ALA C 219 -18.30 -11.68 10.03
C ALA C 219 -17.62 -11.95 11.37
N GLU C 220 -17.71 -13.18 11.86
CA GLU C 220 -17.18 -13.49 13.19
C GLU C 220 -15.66 -13.47 13.21
N LYS C 221 -15.02 -14.14 12.26
CA LYS C 221 -13.57 -14.23 12.26
C LYS C 221 -12.95 -14.18 10.86
N GLY C 222 -13.72 -13.87 9.82
CA GLY C 222 -13.28 -14.05 8.46
C GLY C 222 -12.18 -13.10 8.05
N GLY C 223 -11.77 -13.25 6.79
CA GLY C 223 -10.57 -12.56 6.33
C GLY C 223 -10.63 -11.92 4.95
N VAL C 224 -9.63 -12.21 4.13
CA VAL C 224 -9.35 -11.42 2.95
C VAL C 224 -10.37 -11.69 1.85
N VAL C 225 -10.85 -10.62 1.23
CA VAL C 225 -11.67 -10.68 0.01
C VAL C 225 -11.01 -9.78 -1.02
N GLY C 226 -10.79 -10.32 -2.21
CA GLY C 226 -10.10 -9.60 -3.27
C GLY C 226 -11.06 -9.08 -4.32
N ILE C 227 -10.84 -7.83 -4.74
CA ILE C 227 -11.62 -7.18 -5.78
C ILE C 227 -10.67 -6.78 -6.91
N THR C 228 -10.99 -7.18 -8.12
CA THR C 228 -10.16 -6.91 -9.29
C THR C 228 -10.94 -6.12 -10.31
N ILE C 229 -10.33 -5.06 -10.84
CA ILE C 229 -10.94 -4.22 -11.87
C ILE C 229 -10.09 -4.36 -13.12
N ASP C 230 -10.71 -4.81 -14.21
CA ASP C 230 -10.03 -4.99 -15.49
C ASP C 230 -10.75 -4.17 -16.54
N TRP C 231 -10.02 -3.27 -17.20
CA TRP C 231 -10.63 -2.43 -18.23
C TRP C 231 -10.68 -3.15 -19.58
N HIS C 232 -9.51 -3.49 -20.12
CA HIS C 232 -9.39 -4.31 -21.33
C HIS C 232 -10.19 -3.73 -22.49
N CYS C 233 -9.79 -2.53 -22.91
CA CYS C 233 -10.48 -1.82 -23.98
C CYS C 233 -9.49 -1.43 -25.07
N ASP C 234 -9.89 -1.58 -26.32
CA ASP C 234 -9.08 -1.20 -27.46
C ASP C 234 -9.48 0.18 -27.93
N LEU C 235 -8.49 1.06 -28.08
CA LEU C 235 -8.75 2.46 -28.41
C LEU C 235 -9.02 2.69 -29.89
N ASP C 236 -8.86 1.67 -30.74
CA ASP C 236 -9.25 1.82 -32.13
C ASP C 236 -10.76 2.03 -32.26
N TRP C 237 -11.54 1.37 -31.40
CA TRP C 237 -12.97 1.64 -31.31
C TRP C 237 -13.20 2.97 -30.60
N HIS C 238 -14.47 3.30 -30.39
CA HIS C 238 -14.80 4.54 -29.68
C HIS C 238 -14.40 4.42 -28.21
N VAL C 239 -13.89 5.52 -27.66
CA VAL C 239 -13.41 5.53 -26.27
C VAL C 239 -14.53 5.34 -25.26
N ARG C 240 -15.79 5.51 -25.67
CA ARG C 240 -16.92 5.32 -24.77
C ARG C 240 -17.26 3.85 -24.56
N HIS C 241 -16.62 2.94 -25.29
CA HIS C 241 -16.82 1.50 -25.10
C HIS C 241 -15.88 0.91 -24.06
N CYS C 242 -15.01 1.72 -23.46
CA CYS C 242 -14.06 1.24 -22.46
C CYS C 242 -14.71 1.33 -21.10
N ARG C 243 -15.03 0.17 -20.52
CA ARG C 243 -15.72 0.08 -19.25
C ARG C 243 -15.02 -0.94 -18.36
N PRO C 244 -15.09 -0.76 -17.04
CA PRO C 244 -14.41 -1.68 -16.13
C PRO C 244 -15.21 -2.96 -15.93
N ILE C 245 -14.49 -4.01 -15.53
CA ILE C 245 -15.08 -5.30 -15.19
C ILE C 245 -14.62 -5.66 -13.78
N TYR C 246 -15.57 -5.87 -12.88
CA TYR C 246 -15.28 -6.17 -11.49
C TYR C 246 -15.40 -7.66 -11.24
N GLU C 247 -14.35 -8.25 -10.64
CA GLU C 247 -14.35 -9.65 -10.27
C GLU C 247 -13.90 -9.77 -8.84
N PHE C 248 -14.64 -10.53 -8.04
CA PHE C 248 -14.36 -10.71 -6.62
C PHE C 248 -13.79 -12.10 -6.39
N HIS C 249 -12.65 -12.17 -5.72
CA HIS C 249 -11.95 -13.42 -5.45
C HIS C 249 -12.04 -13.76 -3.97
N GLY C 250 -11.68 -15.01 -3.66
CA GLY C 250 -11.65 -15.47 -2.29
C GLY C 250 -10.25 -15.74 -1.80
N LEU C 251 -9.37 -16.15 -2.71
CA LEU C 251 -7.98 -16.46 -2.37
C LEU C 251 -7.90 -17.50 -1.26
N TYR C 252 -8.78 -18.50 -1.33
CA TYR C 252 -8.90 -19.49 -0.28
C TYR C 252 -9.22 -20.86 -0.88
N GLU C 253 -8.86 -21.90 -0.13
CA GLU C 253 -9.24 -23.27 -0.50
C GLU C 253 -9.67 -24.07 0.73
N GLU C 254 -10.02 -23.40 1.82
CA GLU C 254 -10.48 -24.05 3.06
C GLU C 254 -9.45 -25.05 3.58
N LYS C 255 -8.22 -24.57 3.76
CA LYS C 255 -7.16 -25.36 4.38
C LYS C 255 -6.66 -24.73 5.68
N ASN C 256 -6.28 -23.45 5.65
CA ASN C 256 -5.94 -22.74 6.88
C ASN C 256 -6.47 -21.31 6.89
N LEU C 257 -7.35 -20.95 5.97
CA LEU C 257 -7.97 -19.64 5.96
C LEU C 257 -9.21 -19.57 6.85
N SER C 258 -9.61 -20.68 7.46
CA SER C 258 -10.75 -20.66 8.38
C SER C 258 -10.56 -19.70 9.54
N PRO C 259 -9.40 -19.60 10.20
CA PRO C 259 -9.25 -18.57 11.23
C PRO C 259 -9.43 -17.16 10.71
N GLY C 260 -9.18 -16.93 9.42
CA GLY C 260 -9.44 -15.65 8.82
C GLY C 260 -8.43 -14.58 9.15
N PHE C 261 -8.89 -13.35 9.38
CA PHE C 261 -8.05 -12.19 9.60
C PHE C 261 -8.31 -11.62 10.99
N ASN C 262 -7.22 -11.35 11.72
CA ASN C 262 -7.33 -10.69 13.01
C ASN C 262 -6.01 -9.99 13.30
N PHE C 263 -6.08 -8.92 14.08
CA PHE C 263 -4.88 -8.18 14.47
C PHE C 263 -5.17 -7.42 15.76
N ARG C 264 -4.12 -7.25 16.56
CA ARG C 264 -4.22 -6.46 17.78
C ARG C 264 -4.22 -4.98 17.46
N PHE C 265 -4.86 -4.20 18.33
CA PHE C 265 -4.96 -2.76 18.14
C PHE C 265 -5.16 -2.13 19.51
N ALA C 266 -4.43 -1.05 19.78
CA ALA C 266 -4.39 -0.46 21.11
C ALA C 266 -4.73 1.01 21.06
N ARG C 267 -5.52 1.45 22.04
CA ARG C 267 -5.85 2.87 22.24
C ARG C 267 -5.23 3.31 23.55
N HIS C 268 -4.27 4.23 23.49
CA HIS C 268 -3.55 4.68 24.67
C HIS C 268 -4.18 5.96 25.21
N PHE C 269 -4.33 6.01 26.54
CA PHE C 269 -4.87 7.19 27.21
C PHE C 269 -4.17 7.35 28.55
N VAL C 270 -4.29 8.56 29.11
CA VAL C 270 -3.62 8.92 30.35
C VAL C 270 -4.68 9.32 31.37
N GLU C 271 -4.59 8.73 32.57
CA GLU C 271 -5.50 9.05 33.66
C GLU C 271 -4.67 9.28 34.92
N ASN C 272 -4.80 10.48 35.49
CA ASN C 272 -4.06 10.86 36.70
C ASN C 272 -2.55 10.69 36.51
N GLY C 273 -2.06 11.06 35.34
CA GLY C 273 -0.64 10.94 35.03
C GLY C 273 -0.15 9.52 34.96
N THR C 274 -0.97 8.60 34.46
CA THR C 274 -0.58 7.20 34.31
C THR C 274 -0.97 6.74 32.91
N ASN C 275 -0.01 6.15 32.20
CA ASN C 275 -0.26 5.67 30.84
C ASN C 275 -1.07 4.38 30.89
N TYR C 276 -2.17 4.35 30.15
CA TYR C 276 -3.07 3.21 30.11
C TYR C 276 -3.22 2.75 28.66
N ARG C 277 -4.11 1.77 28.44
CA ARG C 277 -4.28 1.19 27.12
C ARG C 277 -5.62 0.49 27.02
N HIS C 278 -6.24 0.59 25.85
CA HIS C 278 -7.45 -0.17 25.49
C HIS C 278 -7.05 -1.16 24.41
N LEU C 279 -6.83 -2.41 24.80
CA LEU C 279 -6.40 -3.43 23.85
C LEU C 279 -7.59 -4.02 23.12
N PHE C 280 -7.50 -4.07 21.79
CA PHE C 280 -8.57 -4.61 20.95
C PHE C 280 -8.02 -5.79 20.16
N LYS C 281 -8.75 -6.90 20.19
CA LYS C 281 -8.50 -8.03 19.28
C LYS C 281 -9.54 -7.91 18.17
N VAL C 282 -9.11 -7.42 17.02
CA VAL C 282 -10.01 -6.96 15.96
C VAL C 282 -10.13 -8.07 14.91
N PHE C 283 -11.35 -8.52 14.66
CA PHE C 283 -11.65 -9.48 13.61
C PHE C 283 -12.31 -8.71 12.47
N GLY C 284 -11.65 -8.66 11.32
CA GLY C 284 -12.13 -7.85 10.22
C GLY C 284 -11.95 -8.55 8.88
N ILE C 285 -12.66 -8.02 7.89
CA ILE C 285 -12.58 -8.51 6.52
C ILE C 285 -11.70 -7.55 5.73
N ARG C 286 -10.60 -8.06 5.19
CA ARG C 286 -9.68 -7.25 4.42
C ARG C 286 -10.08 -7.26 2.94
N PHE C 287 -10.16 -6.07 2.35
CA PHE C 287 -10.53 -5.91 0.96
C PHE C 287 -9.31 -5.42 0.18
N ASP C 288 -8.92 -6.17 -0.84
CA ASP C 288 -7.80 -5.81 -1.70
C ASP C 288 -8.32 -5.45 -3.08
N ILE C 289 -7.88 -4.32 -3.60
CA ILE C 289 -8.31 -3.81 -4.90
C ILE C 289 -7.11 -3.77 -5.82
N LEU C 290 -7.19 -4.49 -6.94
CA LEU C 290 -6.12 -4.54 -7.93
C LEU C 290 -6.69 -4.16 -9.28
N VAL C 291 -6.04 -3.21 -9.96
CA VAL C 291 -6.51 -2.67 -11.23
C VAL C 291 -5.40 -2.81 -12.26
N ASP C 292 -5.75 -3.32 -13.43
CA ASP C 292 -4.80 -3.45 -14.54
C ASP C 292 -5.56 -3.54 -15.84
N GLY C 293 -4.86 -3.31 -16.94
CA GLY C 293 -5.46 -3.38 -18.25
C GLY C 293 -4.51 -2.87 -19.31
N LYS C 294 -4.87 -3.16 -20.56
CA LYS C 294 -4.09 -2.75 -21.72
C LYS C 294 -5.00 -2.04 -22.71
N ALA C 295 -4.50 -0.96 -23.30
CA ALA C 295 -5.32 -0.14 -24.19
C ALA C 295 -5.13 -0.52 -25.66
N GLY C 296 -3.91 -0.40 -26.18
CA GLY C 296 -3.66 -0.70 -27.57
C GLY C 296 -4.10 0.38 -28.53
N LYS C 297 -3.30 0.64 -29.56
CA LYS C 297 -3.64 1.61 -30.59
C LYS C 297 -3.19 1.09 -31.96
N PHE C 298 -3.84 1.61 -33.01
CA PHE C 298 -3.57 1.15 -34.36
C PHE C 298 -2.13 1.43 -34.77
N ASP C 299 -1.77 2.72 -34.87
CA ASP C 299 -0.42 3.17 -35.24
C ASP C 299 0.05 2.55 -36.55
N ILE C 300 1.36 2.66 -36.82
CA ILE C 300 1.96 2.15 -38.04
C ILE C 300 3.06 1.13 -37.76
N ILE C 301 3.90 1.40 -36.76
CA ILE C 301 4.98 0.45 -36.43
C ILE C 301 4.44 -0.91 -36.01
N PRO C 302 3.40 -1.02 -35.17
CA PRO C 302 2.84 -2.36 -34.91
C PRO C 302 2.31 -3.04 -36.17
N THR C 303 1.75 -2.27 -37.10
CA THR C 303 1.31 -2.86 -38.37
C THR C 303 2.48 -3.43 -39.15
N MET C 304 3.59 -2.69 -39.20
CA MET C 304 4.78 -3.18 -39.89
C MET C 304 5.33 -4.42 -39.21
N THR C 305 5.34 -4.44 -37.87
CA THR C 305 5.83 -5.62 -37.16
C THR C 305 4.94 -6.83 -37.41
N THR C 306 3.62 -6.63 -37.42
CA THR C 306 2.70 -7.74 -37.69
C THR C 306 2.84 -8.24 -39.12
N ILE C 307 3.11 -7.34 -40.07
CA ILE C 307 3.47 -7.78 -41.42
C ILE C 307 4.73 -8.63 -41.36
N GLY C 308 5.73 -8.19 -40.59
CA GLY C 308 6.88 -9.03 -40.33
C GLY C 308 6.54 -10.25 -39.51
N SER C 309 5.64 -10.10 -38.53
CA SER C 309 5.18 -11.25 -37.76
C SER C 309 4.36 -12.22 -38.59
N GLY C 310 3.77 -11.76 -39.69
CA GLY C 310 3.08 -12.63 -40.61
C GLY C 310 3.96 -13.40 -41.55
N ILE C 311 5.28 -13.15 -41.51
CA ILE C 311 6.22 -13.90 -42.32
C ILE C 311 6.40 -15.34 -41.84
N GLY C 312 5.84 -15.69 -40.68
CA GLY C 312 5.95 -17.06 -40.21
C GLY C 312 5.30 -18.04 -41.18
N ILE C 313 4.09 -17.73 -41.63
CA ILE C 313 3.43 -18.57 -42.63
C ILE C 313 4.15 -18.47 -43.97
N PHE C 314 4.68 -17.29 -44.29
CA PHE C 314 5.32 -17.03 -45.58
C PHE C 314 6.82 -17.31 -45.58
N GLY C 315 7.37 -17.80 -44.48
CA GLY C 315 8.80 -18.04 -44.40
C GLY C 315 9.27 -19.26 -45.18
N VAL C 316 8.79 -20.44 -44.79
CA VAL C 316 9.24 -21.69 -45.40
C VAL C 316 8.07 -22.34 -46.14
N ALA C 317 7.14 -21.52 -46.64
CA ALA C 317 6.05 -22.06 -47.44
C ALA C 317 6.57 -22.70 -48.72
N THR C 318 7.52 -22.03 -49.38
CA THR C 318 8.14 -22.60 -50.57
C THR C 318 9.29 -23.53 -50.23
N VAL C 319 9.99 -23.27 -49.12
CA VAL C 319 11.12 -24.11 -48.74
C VAL C 319 10.65 -25.51 -48.40
N LEU C 320 9.56 -25.63 -47.63
CA LEU C 320 9.02 -26.94 -47.29
C LEU C 320 8.25 -27.58 -48.44
N CYS C 321 7.85 -26.80 -49.44
CA CYS C 321 7.13 -27.35 -50.58
C CYS C 321 7.99 -28.34 -51.36
N ASP C 322 9.25 -27.98 -51.60
CA ASP C 322 10.14 -28.86 -52.34
C ASP C 322 10.59 -30.07 -51.51
N LEU C 323 10.54 -29.97 -50.18
CA LEU C 323 10.92 -31.10 -49.34
C LEU C 323 9.99 -32.29 -49.55
N LEU C 324 8.69 -32.02 -49.65
CA LEU C 324 7.72 -33.08 -49.86
C LEU C 324 7.51 -33.35 -51.34
#